data_7SCF
#
_entry.id   7SCF
#
_cell.length_a   69.102
_cell.length_b   71.570
_cell.length_c   145.095
_cell.angle_alpha   90.000
_cell.angle_beta   90.000
_cell.angle_gamma   90.000
#
_symmetry.space_group_name_H-M   'P 21 21 21'
#
loop_
_entity.id
_entity.type
_entity.pdbx_description
1 polymer 'Histidine N-alpha-methyltransferase'
2 non-polymer '(2S)-3-(1H-imidazol-5-yl)-2-(1H-pyrrol-1-yl)propanoic acid'
3 non-polymer DI(HYDROXYETHYL)ETHER
4 non-polymer GLYCEROL
5 non-polymer 'PHOSPHATE ION'
6 water water
#
_entity_poly.entity_id   1
_entity_poly.type   'polypeptide(L)'
_entity_poly.pdbx_seq_one_letter_code
;GPVSVANHLGEDAGHLALRRDVYSGLQKTPKSLPPKWFYDTVGSELFDQITRLPEYYPTRAEAEILRARSAEVASACRAD
TLVELGSGTSEKTRMLLDALRHRGSLRRFVPFDVDASVLSATATAIQREYSGVEINAVCGDFEEHLTEIPRGGRRLFVFL
GSTIGNLTPGPRAQFLTALAGVMRPGDSLLLGTDLVKDAARLVRAYDDPGGVTAQFNRNVLAVINRELEADFDVDAFQHV
ARWNSAEERIEMWLRADGRQRVRVGALDLTVDFDAGEEMLTEVSCKFRPQAVGAELAAAGLHRIRWWTDEAGDFGLSLAA
K
;
_entity_poly.pdbx_strand_id   A,B
#
loop_
_chem_comp.id
_chem_comp.type
_chem_comp.name
_chem_comp.formula
8YI non-polymer '(2S)-3-(1H-imidazol-5-yl)-2-(1H-pyrrol-1-yl)propanoic acid' 'C10 H11 N3 O2'
GOL non-polymer GLYCEROL 'C3 H8 O3'
PEG non-polymer DI(HYDROXYETHYL)ETHER 'C4 H10 O3'
PO4 non-polymer 'PHOSPHATE ION' 'O4 P -3'
#
# COMPACT_ATOMS: atom_id res chain seq x y z
N GLY A 1 -7.85 0.18 -46.19
CA GLY A 1 -7.50 1.41 -45.49
C GLY A 1 -6.01 1.63 -45.25
N PRO A 2 -5.60 2.90 -45.12
CA PRO A 2 -4.17 3.19 -44.99
C PRO A 2 -3.61 2.78 -43.63
N VAL A 3 -2.32 2.45 -43.64
CA VAL A 3 -1.54 2.19 -42.44
C VAL A 3 -0.65 3.41 -42.18
N SER A 4 -0.36 3.64 -40.89
CA SER A 4 0.72 4.50 -40.46
C SER A 4 1.33 3.88 -39.22
N VAL A 5 2.65 3.91 -39.14
CA VAL A 5 3.37 3.57 -37.91
C VAL A 5 4.24 4.77 -37.56
N ALA A 6 4.03 5.34 -36.38
CA ALA A 6 4.81 6.45 -35.87
C ALA A 6 5.64 5.93 -34.70
N ASN A 7 6.95 6.18 -34.73
CA ASN A 7 7.88 5.62 -33.75
C ASN A 7 8.50 6.72 -32.90
N HIS A 8 8.27 6.64 -31.60
CA HIS A 8 8.77 7.63 -30.64
C HIS A 8 9.82 7.06 -29.69
N LEU A 9 10.21 5.81 -29.84
CA LEU A 9 11.22 5.20 -28.99
C LEU A 9 12.55 5.22 -29.73
N GLY A 10 13.61 5.67 -29.05
CA GLY A 10 14.94 5.65 -29.65
C GLY A 10 15.30 4.26 -30.09
N GLU A 11 16.23 4.14 -31.06
CA GLU A 11 16.57 2.83 -31.60
C GLU A 11 17.06 1.89 -30.51
N ASP A 12 17.63 2.43 -29.44
CA ASP A 12 18.13 1.62 -28.33
C ASP A 12 17.38 1.93 -27.04
N ALA A 13 16.19 2.53 -27.14
CA ALA A 13 15.38 2.81 -25.96
C ALA A 13 15.21 1.58 -25.08
N GLY A 14 15.11 0.39 -25.70
CA GLY A 14 14.93 -0.82 -24.93
C GLY A 14 16.17 -1.24 -24.16
N HIS A 15 17.35 -1.14 -24.80
CA HIS A 15 18.57 -1.55 -24.10
C HIS A 15 18.86 -0.63 -22.92
N LEU A 16 18.74 0.69 -23.11
CA LEU A 16 19.03 1.60 -21.99
C LEU A 16 18.02 1.41 -20.87
N ALA A 17 16.78 1.12 -21.21
CA ALA A 17 15.78 0.76 -20.21
C ALA A 17 16.21 -0.46 -19.42
N LEU A 18 16.69 -1.50 -20.12
CA LEU A 18 17.14 -2.72 -19.46
C LEU A 18 18.32 -2.45 -18.54
N ARG A 19 19.26 -1.59 -18.94
CA ARG A 19 20.43 -1.32 -18.11
C ARG A 19 20.04 -0.60 -16.85
N ARG A 20 19.12 0.36 -16.95
CA ARG A 20 18.66 1.12 -15.79
C ARG A 20 17.96 0.24 -14.76
N ASP A 21 16.95 -0.54 -15.21
CA ASP A 21 16.15 -1.34 -14.29
C ASP A 21 16.98 -2.41 -13.58
N VAL A 22 17.87 -3.09 -14.32
CA VAL A 22 18.67 -4.15 -13.72
C VAL A 22 19.65 -3.58 -12.70
N TYR A 23 20.30 -2.45 -13.07
CA TYR A 23 21.26 -1.80 -12.18
C TYR A 23 20.60 -1.34 -10.89
N SER A 24 19.46 -0.67 -11.00
CA SER A 24 18.74 -0.22 -9.81
C SER A 24 18.20 -1.41 -8.99
N GLY A 25 17.56 -2.38 -9.67
CA GLY A 25 16.83 -3.41 -8.97
C GLY A 25 17.70 -4.51 -8.37
N LEU A 26 18.89 -4.74 -8.93
CA LEU A 26 19.79 -5.73 -8.35
C LEU A 26 20.51 -5.21 -7.11
N GLN A 27 20.38 -3.92 -6.79
CA GLN A 27 21.02 -3.34 -5.63
C GLN A 27 20.05 -2.97 -4.51
N LYS A 28 18.75 -3.22 -4.66
CA LYS A 28 17.82 -2.92 -3.59
C LYS A 28 17.53 -4.16 -2.74
N THR A 29 16.78 -3.93 -1.67
CA THR A 29 16.65 -4.85 -0.53
C THR A 29 15.16 -5.11 -0.30
N PRO A 30 14.59 -6.19 -0.83
CA PRO A 30 15.23 -7.27 -1.58
C PRO A 30 15.41 -6.94 -3.06
N LYS A 31 16.22 -7.72 -3.76
CA LYS A 31 16.39 -7.51 -5.19
C LYS A 31 15.02 -7.61 -5.89
N SER A 32 14.80 -6.72 -6.85
CA SER A 32 13.55 -6.75 -7.60
C SER A 32 13.82 -6.33 -9.03
N LEU A 33 13.10 -6.95 -9.96
CA LEU A 33 13.22 -6.71 -11.39
C LEU A 33 11.84 -6.44 -11.98
N PRO A 34 11.73 -5.56 -12.97
CA PRO A 34 10.44 -5.33 -13.61
C PRO A 34 10.00 -6.53 -14.42
N PRO A 35 8.70 -6.77 -14.53
CA PRO A 35 8.22 -7.96 -15.25
C PRO A 35 8.19 -7.80 -16.76
N LYS A 36 8.36 -6.58 -17.30
CA LYS A 36 8.32 -6.34 -18.74
C LYS A 36 9.46 -7.02 -19.48
N TRP A 37 10.51 -7.44 -18.77
CA TRP A 37 11.64 -8.05 -19.44
C TRP A 37 11.46 -9.54 -19.68
N PHE A 38 10.42 -10.15 -19.08
CA PHE A 38 9.99 -11.51 -19.41
C PHE A 38 9.78 -11.71 -20.91
N TYR A 39 9.36 -10.67 -21.63
CA TYR A 39 8.73 -10.82 -22.94
C TYR A 39 9.68 -10.49 -24.09
N ASP A 40 10.81 -11.22 -24.13
CA ASP A 40 11.55 -11.37 -25.38
C ASP A 40 10.84 -12.44 -26.19
N THR A 41 11.47 -12.99 -27.22
CA THR A 41 10.75 -13.92 -28.09
C THR A 41 10.57 -15.28 -27.44
N VAL A 42 11.62 -15.81 -26.81
CA VAL A 42 11.49 -17.05 -26.04
C VAL A 42 10.43 -16.86 -24.96
N GLY A 43 10.51 -15.74 -24.23
CA GLY A 43 9.56 -15.47 -23.16
C GLY A 43 8.15 -15.36 -23.67
N SER A 44 7.96 -14.60 -24.75
CA SER A 44 6.63 -14.47 -25.34
C SER A 44 6.08 -15.82 -25.77
N GLU A 45 6.95 -16.72 -26.21
CA GLU A 45 6.44 -18.04 -26.58
C GLU A 45 6.04 -18.85 -25.34
N LEU A 46 6.71 -18.62 -24.21
CA LEU A 46 6.30 -19.26 -22.97
C LEU A 46 4.99 -18.69 -22.46
N PHE A 47 4.77 -17.38 -22.63
CA PHE A 47 3.51 -16.82 -22.18
C PHE A 47 2.36 -17.32 -23.03
N ASP A 48 2.61 -17.63 -24.29
CA ASP A 48 1.57 -18.22 -25.13
C ASP A 48 1.15 -19.57 -24.60
N GLN A 49 2.07 -20.29 -23.97
CA GLN A 49 1.75 -21.60 -23.40
C GLN A 49 0.99 -21.48 -22.09
N ILE A 50 1.35 -20.47 -21.28
CA ILE A 50 0.67 -20.27 -20.01
C ILE A 50 -0.82 -20.04 -20.23
N THR A 51 -1.18 -19.26 -21.26
CA THR A 51 -2.58 -18.95 -21.52
C THR A 51 -3.41 -20.19 -21.85
N ARG A 52 -2.77 -21.32 -22.16
CA ARG A 52 -3.52 -22.53 -22.49
C ARG A 52 -3.38 -23.62 -21.44
N LEU A 53 -2.65 -23.35 -20.36
CA LEU A 53 -2.58 -24.32 -19.28
C LEU A 53 -3.96 -24.45 -18.63
N PRO A 54 -4.30 -25.64 -18.12
CA PRO A 54 -5.54 -25.74 -17.34
C PRO A 54 -5.52 -24.88 -16.09
N GLU A 55 -4.37 -24.75 -15.44
CA GLU A 55 -4.30 -23.98 -14.20
C GLU A 55 -4.51 -22.48 -14.42
N TYR A 56 -4.32 -21.97 -15.64
CA TYR A 56 -4.29 -20.51 -15.87
C TYR A 56 -5.61 -20.06 -16.50
N TYR A 57 -6.57 -19.72 -15.65
CA TYR A 57 -7.92 -19.29 -16.04
C TYR A 57 -8.03 -17.89 -16.66
N PRO A 58 -7.16 -16.92 -16.33
CA PRO A 58 -7.49 -15.53 -16.69
C PRO A 58 -7.71 -15.28 -18.17
N THR A 59 -6.89 -15.85 -19.06
CA THR A 59 -7.09 -15.66 -20.49
C THR A 59 -8.44 -16.23 -20.93
N ARG A 60 -8.75 -17.45 -20.50
CA ARG A 60 -10.03 -18.05 -20.85
C ARG A 60 -11.20 -17.28 -20.25
N ALA A 61 -11.04 -16.80 -19.02
CA ALA A 61 -12.15 -16.18 -18.31
C ALA A 61 -12.55 -14.87 -18.98
N GLU A 62 -11.58 -14.01 -19.24
CA GLU A 62 -11.81 -12.79 -20.01
C GLU A 62 -12.40 -13.10 -21.38
N ALA A 63 -11.89 -14.13 -22.07
CA ALA A 63 -12.40 -14.50 -23.39
C ALA A 63 -13.89 -14.79 -23.32
N GLU A 64 -14.32 -15.51 -22.29
CA GLU A 64 -15.73 -15.83 -22.10
C GLU A 64 -16.57 -14.56 -21.97
N ILE A 65 -16.18 -13.64 -21.09
CA ILE A 65 -16.87 -12.36 -20.96
C ILE A 65 -16.90 -11.60 -22.28
N LEU A 66 -15.78 -11.56 -23.01
CA LEU A 66 -15.75 -10.78 -24.25
C LEU A 66 -16.56 -11.46 -25.36
N ARG A 67 -16.56 -12.80 -25.39
CA ARG A 67 -17.37 -13.50 -26.37
C ARG A 67 -18.84 -13.23 -26.14
N ALA A 68 -19.20 -12.85 -24.92
CA ALA A 68 -20.59 -12.59 -24.57
C ALA A 68 -20.94 -11.12 -24.61
N ARG A 69 -20.02 -10.23 -24.22
CA ARG A 69 -20.38 -8.85 -23.92
C ARG A 69 -19.83 -7.84 -24.91
N SER A 70 -19.08 -8.29 -25.93
CA SER A 70 -18.44 -7.36 -26.86
C SER A 70 -19.45 -6.50 -27.60
N ALA A 71 -20.58 -7.11 -27.99
CA ALA A 71 -21.65 -6.34 -28.62
C ALA A 71 -22.17 -5.27 -27.68
N GLU A 72 -22.50 -5.64 -26.44
CA GLU A 72 -22.98 -4.63 -25.50
C GLU A 72 -21.93 -3.55 -25.29
N VAL A 73 -20.65 -3.93 -25.22
CA VAL A 73 -19.56 -2.94 -25.12
C VAL A 73 -19.64 -1.93 -26.26
N ALA A 74 -19.78 -2.43 -27.50
CA ALA A 74 -19.85 -1.55 -28.66
C ALA A 74 -21.11 -0.69 -28.65
N SER A 75 -22.22 -1.25 -28.19
CA SER A 75 -23.47 -0.50 -28.08
C SER A 75 -23.36 0.64 -27.09
N ALA A 76 -22.80 0.37 -25.90
CA ALA A 76 -22.75 1.39 -24.87
C ALA A 76 -21.71 2.47 -25.17
N CYS A 77 -20.60 2.11 -25.82
CA CYS A 77 -19.57 3.11 -26.02
C CYS A 77 -19.66 3.80 -27.37
N ARG A 78 -20.23 3.14 -28.40
CA ARG A 78 -20.51 3.79 -29.69
C ARG A 78 -19.23 4.27 -30.39
N ALA A 79 -18.13 3.59 -30.17
CA ALA A 79 -16.87 4.13 -30.64
C ALA A 79 -16.67 3.82 -32.12
N ASP A 80 -15.99 4.72 -32.82
CA ASP A 80 -15.51 4.45 -34.17
C ASP A 80 -14.03 4.15 -34.22
N THR A 81 -13.36 4.16 -33.06
CA THR A 81 -11.92 4.01 -32.97
C THR A 81 -11.61 3.11 -31.79
N LEU A 82 -10.80 2.07 -32.04
CA LEU A 82 -10.33 1.17 -30.99
C LEU A 82 -8.84 1.39 -30.75
N VAL A 83 -8.48 1.84 -29.53
CA VAL A 83 -7.09 2.02 -29.13
C VAL A 83 -6.73 0.91 -28.18
N GLU A 84 -5.72 0.10 -28.53
CA GLU A 84 -5.25 -1.00 -27.70
C GLU A 84 -3.92 -0.63 -27.05
N LEU A 85 -3.88 -0.61 -25.73
CA LEU A 85 -2.61 -0.51 -25.00
C LEU A 85 -2.05 -1.93 -24.90
N GLY A 86 -1.30 -2.32 -25.90
CA GLY A 86 -1.01 -3.72 -26.19
C GLY A 86 -0.79 -3.91 -27.68
N SER A 87 -0.31 -5.11 -28.03
CA SER A 87 0.23 -5.35 -29.38
C SER A 87 -0.82 -5.55 -30.48
N GLY A 88 -2.07 -5.86 -30.13
CA GLY A 88 -3.09 -6.06 -31.15
C GLY A 88 -3.09 -7.40 -31.83
N THR A 89 -2.38 -8.39 -31.26
CA THR A 89 -2.29 -9.74 -31.80
C THR A 89 -3.32 -10.71 -31.20
N SER A 90 -4.04 -10.30 -30.16
CA SER A 90 -4.97 -11.17 -29.50
C SER A 90 -6.14 -11.55 -30.42
N GLU A 91 -6.81 -12.66 -30.06
CA GLU A 91 -8.14 -12.93 -30.57
C GLU A 91 -9.16 -11.93 -30.00
N LYS A 92 -8.93 -11.44 -28.77
CA LYS A 92 -9.87 -10.50 -28.15
C LYS A 92 -9.87 -9.16 -28.86
N THR A 93 -8.73 -8.79 -29.46
CA THR A 93 -8.68 -7.60 -30.31
C THR A 93 -9.65 -7.74 -31.49
N ARG A 94 -9.71 -8.92 -32.11
CA ARG A 94 -10.63 -9.12 -33.22
C ARG A 94 -12.09 -9.19 -32.75
N MET A 95 -12.34 -9.66 -31.53
CA MET A 95 -13.69 -9.60 -30.97
C MET A 95 -14.21 -8.17 -30.95
N LEU A 96 -13.41 -7.25 -30.41
CA LEU A 96 -13.88 -5.89 -30.27
C LEU A 96 -13.96 -5.18 -31.63
N LEU A 97 -12.98 -5.42 -32.53
CA LEU A 97 -13.08 -4.84 -33.87
C LEU A 97 -14.31 -5.37 -34.59
N ASP A 98 -14.63 -6.65 -34.39
CA ASP A 98 -15.82 -7.23 -35.00
C ASP A 98 -17.07 -6.52 -34.52
N ALA A 99 -17.13 -6.21 -33.21
CA ALA A 99 -18.31 -5.59 -32.62
C ALA A 99 -18.55 -4.20 -33.21
N LEU A 100 -17.48 -3.40 -33.33
CA LEU A 100 -17.64 -2.07 -33.90
C LEU A 100 -17.99 -2.15 -35.39
N ARG A 101 -17.37 -3.07 -36.13
CA ARG A 101 -17.70 -3.25 -37.54
C ARG A 101 -19.14 -3.72 -37.70
N HIS A 102 -19.56 -4.72 -36.92
CA HIS A 102 -20.95 -5.16 -36.98
C HIS A 102 -21.90 -4.01 -36.66
N ARG A 103 -21.50 -3.11 -35.78
CA ARG A 103 -22.32 -1.94 -35.46
C ARG A 103 -22.29 -0.91 -36.57
N GLY A 104 -21.47 -1.11 -37.60
CA GLY A 104 -21.33 -0.19 -38.70
C GLY A 104 -20.42 0.99 -38.43
N SER A 105 -19.64 0.96 -37.35
CA SER A 105 -18.95 2.16 -36.88
C SER A 105 -17.43 2.03 -36.82
N LEU A 106 -16.84 0.92 -37.24
CA LEU A 106 -15.40 0.74 -37.13
C LEU A 106 -14.69 1.57 -38.19
N ARG A 107 -14.06 2.67 -37.76
CA ARG A 107 -13.37 3.57 -38.67
C ARG A 107 -11.86 3.59 -38.52
N ARG A 108 -11.33 3.38 -37.31
CA ARG A 108 -9.92 3.55 -37.01
C ARG A 108 -9.48 2.56 -35.93
N PHE A 109 -8.23 2.11 -36.01
CA PHE A 109 -7.61 1.22 -35.04
C PHE A 109 -6.25 1.79 -34.68
N VAL A 110 -5.93 1.84 -33.40
CA VAL A 110 -4.66 2.39 -32.92
C VAL A 110 -4.03 1.40 -31.97
N PRO A 111 -3.18 0.49 -32.44
CA PRO A 111 -2.33 -0.27 -31.51
C PRO A 111 -1.21 0.60 -30.95
N PHE A 112 -0.94 0.43 -29.66
CA PHE A 112 0.04 1.24 -28.94
C PHE A 112 0.91 0.27 -28.13
N ASP A 113 2.11 -0.02 -28.62
CA ASP A 113 3.05 -0.90 -27.90
C ASP A 113 4.47 -0.38 -28.09
N VAL A 114 5.44 -1.11 -27.52
CA VAL A 114 6.82 -0.66 -27.52
C VAL A 114 7.65 -1.31 -28.62
N ASP A 115 7.22 -2.45 -29.16
CA ASP A 115 7.97 -3.14 -30.21
C ASP A 115 7.43 -2.72 -31.57
N ALA A 116 8.14 -1.82 -32.26
CA ALA A 116 7.63 -1.35 -33.56
C ALA A 116 7.46 -2.49 -34.54
N SER A 117 8.31 -3.49 -34.46
CA SER A 117 8.24 -4.60 -35.41
C SER A 117 6.95 -5.40 -35.22
N VAL A 118 6.48 -5.55 -33.98
CA VAL A 118 5.19 -6.20 -33.74
C VAL A 118 4.05 -5.32 -34.28
N LEU A 119 4.13 -4.00 -34.07
CA LEU A 119 3.08 -3.11 -34.55
C LEU A 119 2.96 -3.16 -36.06
N SER A 120 4.10 -3.15 -36.76
CA SER A 120 4.09 -3.17 -38.22
C SER A 120 3.46 -4.45 -38.75
N ALA A 121 3.68 -5.59 -38.06
CA ALA A 121 3.07 -6.84 -38.48
C ALA A 121 1.58 -6.85 -38.18
N THR A 122 1.18 -6.24 -37.06
CA THR A 122 -0.22 -6.18 -36.69
C THR A 122 -1.00 -5.32 -37.69
N ALA A 123 -0.47 -4.14 -38.00
CA ALA A 123 -1.11 -3.23 -38.94
C ALA A 123 -1.34 -3.90 -40.30
N THR A 124 -0.34 -4.62 -40.78
CA THR A 124 -0.47 -5.33 -42.06
C THR A 124 -1.62 -6.33 -42.00
N ALA A 125 -1.69 -7.09 -40.90
CA ALA A 125 -2.73 -8.11 -40.75
C ALA A 125 -4.11 -7.48 -40.64
N ILE A 126 -4.27 -6.52 -39.73
CA ILE A 126 -5.57 -5.85 -39.58
C ILE A 126 -5.99 -5.19 -40.88
N GLN A 127 -5.04 -4.59 -41.62
CA GLN A 127 -5.40 -3.91 -42.86
C GLN A 127 -5.85 -4.88 -43.94
N ARG A 128 -5.39 -6.13 -43.87
CA ARG A 128 -5.90 -7.13 -44.81
C ARG A 128 -7.30 -7.62 -44.41
N GLU A 129 -7.55 -7.76 -43.10
CA GLU A 129 -8.80 -8.33 -42.60
C GLU A 129 -9.96 -7.34 -42.64
N TYR A 130 -9.70 -6.07 -42.38
CA TYR A 130 -10.74 -5.05 -42.27
C TYR A 130 -10.51 -3.97 -43.32
N SER A 131 -11.22 -4.07 -44.44
CA SER A 131 -11.21 -2.99 -45.41
C SER A 131 -11.73 -1.71 -44.76
N GLY A 132 -11.23 -0.58 -45.23
CA GLY A 132 -11.79 0.67 -44.78
C GLY A 132 -11.56 1.00 -43.32
N VAL A 133 -10.56 0.39 -42.68
CA VAL A 133 -10.09 0.86 -41.39
C VAL A 133 -8.73 1.53 -41.60
N GLU A 134 -8.56 2.71 -41.00
CA GLU A 134 -7.26 3.34 -40.86
C GLU A 134 -6.55 2.78 -39.64
N ILE A 135 -5.35 2.25 -39.82
CA ILE A 135 -4.57 1.69 -38.74
C ILE A 135 -3.47 2.68 -38.39
N ASN A 136 -3.70 3.51 -37.36
CA ASN A 136 -2.67 4.46 -36.88
C ASN A 136 -1.94 3.83 -35.69
N ALA A 137 -0.84 3.12 -35.96
CA ALA A 137 -0.08 2.42 -34.93
C ALA A 137 0.95 3.33 -34.29
N VAL A 138 1.08 3.25 -32.97
CA VAL A 138 1.96 4.14 -32.22
C VAL A 138 2.97 3.31 -31.42
N CYS A 139 4.26 3.60 -31.62
CA CYS A 139 5.33 3.00 -30.84
C CYS A 139 5.82 3.98 -29.79
N GLY A 140 5.50 3.70 -28.53
CA GLY A 140 5.78 4.58 -27.41
C GLY A 140 5.51 3.82 -26.14
N ASP A 141 5.75 4.49 -25.01
CA ASP A 141 5.49 3.90 -23.69
C ASP A 141 4.51 4.78 -22.90
N PHE A 142 3.95 4.21 -21.81
CA PHE A 142 2.92 4.90 -21.04
C PHE A 142 3.45 6.16 -20.37
N GLU A 143 4.74 6.15 -19.99
CA GLU A 143 5.29 7.22 -19.17
C GLU A 143 5.47 8.53 -19.92
N GLU A 144 5.45 8.50 -21.26
CA GLU A 144 5.64 9.75 -21.99
C GLU A 144 4.86 9.88 -23.29
N HIS A 145 4.25 8.82 -23.83
CA HIS A 145 3.72 8.91 -25.18
C HIS A 145 2.22 8.67 -25.29
N LEU A 146 1.50 8.56 -24.19
CA LEU A 146 0.04 8.50 -24.30
C LEU A 146 -0.55 9.73 -25.01
N THR A 147 0.16 10.85 -25.05
CA THR A 147 -0.31 12.03 -25.78
C THR A 147 -0.08 11.92 -27.28
N GLU A 148 0.64 10.89 -27.72
CA GLU A 148 0.90 10.65 -29.12
C GLU A 148 -0.20 9.82 -29.78
N ILE A 149 -1.15 9.31 -29.01
CA ILE A 149 -2.34 8.66 -29.59
C ILE A 149 -3.18 9.71 -30.33
N PRO A 150 -3.59 9.43 -31.59
CA PRO A 150 -4.37 10.41 -32.37
C PRO A 150 -5.64 10.96 -31.71
N ARG A 151 -6.06 12.13 -32.18
CA ARG A 151 -7.23 12.84 -31.70
C ARG A 151 -8.47 12.44 -32.50
N GLY A 152 -9.64 12.87 -32.03
CA GLY A 152 -10.86 12.87 -32.83
C GLY A 152 -11.63 11.55 -32.84
N GLY A 153 -12.89 11.65 -33.28
CA GLY A 153 -13.80 10.52 -33.25
C GLY A 153 -14.09 10.13 -31.82
N ARG A 154 -14.84 9.05 -31.58
CA ARG A 154 -15.16 8.60 -30.22
C ARG A 154 -14.32 7.37 -29.96
N ARG A 155 -13.47 7.42 -28.94
CA ARG A 155 -12.40 6.44 -28.80
C ARG A 155 -12.68 5.52 -27.62
N LEU A 156 -12.45 4.22 -27.84
CA LEU A 156 -12.52 3.22 -26.78
C LEU A 156 -11.11 2.70 -26.53
N PHE A 157 -10.53 3.08 -25.38
CA PHE A 157 -9.22 2.59 -24.97
C PHE A 157 -9.38 1.24 -24.29
N VAL A 158 -8.54 0.29 -24.66
CA VAL A 158 -8.66 -1.10 -24.20
C VAL A 158 -7.37 -1.54 -23.53
N PHE A 159 -7.49 -2.16 -22.35
CA PHE A 159 -6.34 -2.56 -21.52
C PHE A 159 -6.76 -3.80 -20.73
N LEU A 160 -6.57 -4.96 -21.35
CA LEU A 160 -7.17 -6.22 -20.88
C LEU A 160 -6.17 -7.07 -20.13
N GLY A 161 -6.63 -8.27 -19.74
CA GLY A 161 -5.76 -9.33 -19.23
C GLY A 161 -5.25 -9.12 -17.83
N SER A 162 -5.74 -8.11 -17.12
CA SER A 162 -5.23 -7.71 -15.81
C SER A 162 -3.78 -7.24 -15.88
N THR A 163 -3.36 -6.74 -17.06
CA THR A 163 -2.06 -6.11 -17.19
C THR A 163 -1.86 -5.04 -16.12
N ILE A 164 -2.88 -4.22 -15.89
CA ILE A 164 -2.80 -3.20 -14.86
C ILE A 164 -2.50 -3.82 -13.51
N GLY A 165 -2.78 -5.12 -13.32
CA GLY A 165 -2.41 -5.81 -12.10
C GLY A 165 -0.91 -5.89 -11.91
N ASN A 166 -0.15 -5.75 -12.99
CA ASN A 166 1.29 -5.68 -12.88
C ASN A 166 1.77 -4.41 -12.22
N LEU A 167 0.88 -3.47 -11.91
CA LEU A 167 1.19 -2.17 -11.32
C LEU A 167 0.72 -2.13 -9.87
N THR A 168 1.65 -1.97 -8.93
CA THR A 168 1.26 -1.78 -7.53
C THR A 168 0.46 -0.48 -7.37
N PRO A 169 -0.27 -0.30 -6.25
CA PRO A 169 -1.28 0.78 -6.20
C PRO A 169 -0.74 2.17 -6.50
N GLY A 170 0.51 2.44 -6.13
CA GLY A 170 1.12 3.73 -6.37
C GLY A 170 1.25 4.05 -7.83
N PRO A 171 2.06 3.25 -8.55
CA PRO A 171 2.09 3.35 -10.01
C PRO A 171 0.75 3.12 -10.70
N ARG A 172 -0.19 2.36 -10.11
CA ARG A 172 -1.44 2.09 -10.80
C ARG A 172 -2.32 3.34 -10.92
N ALA A 173 -2.49 4.08 -9.81
CA ALA A 173 -3.19 5.37 -9.87
C ALA A 173 -2.47 6.35 -10.79
N GLN A 174 -1.14 6.29 -10.81
CA GLN A 174 -0.37 7.18 -11.67
C GLN A 174 -0.64 6.89 -13.14
N PHE A 175 -0.92 5.63 -13.49
CA PHE A 175 -1.22 5.28 -14.87
C PHE A 175 -2.64 5.70 -15.24
N LEU A 176 -3.62 5.34 -14.40
CA LEU A 176 -5.01 5.66 -14.67
C LEU A 176 -5.25 7.16 -14.76
N THR A 177 -4.51 7.94 -13.98
CA THR A 177 -4.68 9.39 -14.06
C THR A 177 -4.14 9.91 -15.38
N ALA A 178 -3.01 9.38 -15.82
CA ALA A 178 -2.42 9.79 -17.09
C ALA A 178 -3.33 9.42 -18.25
N LEU A 179 -3.90 8.20 -18.21
CA LEU A 179 -4.77 7.74 -19.30
C LEU A 179 -6.03 8.57 -19.35
N ALA A 180 -6.73 8.70 -18.23
CA ALA A 180 -7.89 9.56 -18.18
C ALA A 180 -7.54 10.97 -18.59
N GLY A 181 -6.30 11.40 -18.35
CA GLY A 181 -5.89 12.74 -18.71
C GLY A 181 -5.88 12.98 -20.21
N VAL A 182 -5.52 11.95 -21.00
CA VAL A 182 -5.55 12.06 -22.47
C VAL A 182 -6.93 11.71 -23.06
N MET A 183 -7.90 11.29 -22.25
CA MET A 183 -9.19 10.87 -22.79
C MET A 183 -10.10 12.09 -22.98
N ARG A 184 -10.75 12.12 -24.03
CA ARG A 184 -11.72 13.19 -24.23
C ARG A 184 -13.06 12.77 -23.64
N PRO A 185 -13.91 13.71 -23.24
CA PRO A 185 -15.28 13.37 -22.86
C PRO A 185 -15.99 12.58 -23.95
N GLY A 186 -16.74 11.55 -23.56
CA GLY A 186 -17.35 10.63 -24.50
C GLY A 186 -16.49 9.44 -24.89
N ASP A 187 -15.18 9.52 -24.65
CA ASP A 187 -14.30 8.37 -24.75
C ASP A 187 -14.56 7.42 -23.59
N SER A 188 -14.06 6.20 -23.73
CA SER A 188 -14.33 5.18 -22.73
C SER A 188 -13.17 4.20 -22.64
N LEU A 189 -12.97 3.64 -21.45
CA LEU A 189 -11.92 2.67 -21.17
C LEU A 189 -12.54 1.32 -20.85
N LEU A 190 -12.01 0.27 -21.46
CA LEU A 190 -12.34 -1.11 -21.13
C LEU A 190 -11.12 -1.71 -20.43
N LEU A 191 -11.31 -2.21 -19.22
CA LEU A 191 -10.20 -2.64 -18.39
C LEU A 191 -10.50 -3.98 -17.75
N GLY A 192 -9.60 -4.95 -17.92
CA GLY A 192 -9.75 -6.27 -17.34
C GLY A 192 -8.96 -6.40 -16.05
N THR A 193 -9.58 -6.99 -15.03
CA THR A 193 -8.95 -7.16 -13.73
C THR A 193 -9.26 -8.55 -13.21
N ASP A 194 -8.22 -9.33 -12.90
CA ASP A 194 -8.42 -10.59 -12.20
C ASP A 194 -8.82 -10.31 -10.74
N LEU A 195 -9.76 -11.10 -10.25
CA LEU A 195 -10.39 -10.85 -8.96
C LEU A 195 -9.78 -11.72 -7.87
N VAL A 196 -9.78 -11.20 -6.64
CA VAL A 196 -9.46 -11.99 -5.46
C VAL A 196 -10.33 -13.26 -5.42
N LYS A 197 -9.71 -14.37 -5.05
CA LYS A 197 -10.38 -15.66 -5.00
C LYS A 197 -9.58 -16.53 -4.03
N ASP A 198 -9.87 -17.83 -4.04
CA ASP A 198 -9.20 -18.78 -3.15
C ASP A 198 -7.71 -18.81 -3.42
N ALA A 199 -6.91 -18.65 -2.37
CA ALA A 199 -5.46 -18.56 -2.53
C ALA A 199 -4.85 -19.84 -3.10
N ALA A 200 -5.42 -21.01 -2.80
CA ALA A 200 -4.89 -22.24 -3.37
C ALA A 200 -4.98 -22.20 -4.89
N ARG A 201 -6.12 -21.73 -5.41
CA ARG A 201 -6.27 -21.64 -6.85
C ARG A 201 -5.39 -20.54 -7.44
N LEU A 202 -5.25 -19.41 -6.74
CA LEU A 202 -4.35 -18.36 -7.21
C LEU A 202 -2.92 -18.87 -7.32
N VAL A 203 -2.45 -19.63 -6.34
CA VAL A 203 -1.04 -20.03 -6.36
C VAL A 203 -0.78 -21.09 -7.44
N ARG A 204 -1.74 -21.99 -7.69
CA ARG A 204 -1.56 -22.99 -8.74
C ARG A 204 -1.57 -22.36 -10.13
N ALA A 205 -2.34 -21.29 -10.33
CA ALA A 205 -2.33 -20.55 -11.60
C ALA A 205 -0.95 -19.99 -11.96
N TYR A 206 -0.06 -19.83 -10.99
CA TYR A 206 1.25 -19.23 -11.22
C TYR A 206 2.37 -20.20 -10.91
N ASP A 207 2.04 -21.48 -10.78
CA ASP A 207 3.04 -22.55 -10.69
C ASP A 207 2.44 -23.86 -11.19
N ASP A 208 2.36 -24.00 -12.49
CA ASP A 208 1.79 -25.19 -13.09
C ASP A 208 2.72 -26.39 -12.90
N PRO A 209 2.17 -27.59 -12.71
CA PRO A 209 3.01 -28.76 -12.39
C PRO A 209 4.20 -29.00 -13.31
N GLY A 210 4.00 -28.93 -14.63
CA GLY A 210 5.13 -29.10 -15.54
C GLY A 210 6.15 -27.98 -15.46
N GLY A 211 5.77 -26.82 -14.93
CA GLY A 211 6.72 -25.75 -14.75
C GLY A 211 6.93 -24.85 -15.94
N VAL A 212 5.89 -24.64 -16.75
CA VAL A 212 5.97 -23.69 -17.84
C VAL A 212 6.14 -22.29 -17.30
N THR A 213 5.46 -22.00 -16.18
CA THR A 213 5.61 -20.72 -15.51
C THR A 213 6.99 -20.59 -14.89
N ALA A 214 7.54 -21.70 -14.40
CA ALA A 214 8.88 -21.67 -13.82
C ALA A 214 9.90 -21.26 -14.87
N GLN A 215 9.81 -21.82 -16.08
CA GLN A 215 10.74 -21.41 -17.12
C GLN A 215 10.54 -19.96 -17.49
N PHE A 216 9.27 -19.52 -17.54
CA PHE A 216 8.93 -18.13 -17.84
C PHE A 216 9.61 -17.18 -16.88
N ASN A 217 9.55 -17.50 -15.59
CA ASN A 217 10.14 -16.66 -14.56
C ASN A 217 11.66 -16.64 -14.69
N ARG A 218 12.27 -17.83 -14.69
CA ARG A 218 13.71 -17.94 -14.85
C ARG A 218 14.21 -17.32 -16.15
N ASN A 219 13.33 -17.15 -17.14
CA ASN A 219 13.80 -16.64 -18.42
C ASN A 219 14.33 -15.23 -18.28
N VAL A 220 13.88 -14.49 -17.26
CA VAL A 220 14.41 -13.14 -17.01
C VAL A 220 15.91 -13.19 -16.82
N LEU A 221 16.43 -14.27 -16.22
CA LEU A 221 17.87 -14.35 -16.01
C LEU A 221 18.61 -14.56 -17.33
N ALA A 222 17.97 -15.26 -18.28
CA ALA A 222 18.56 -15.49 -19.59
C ALA A 222 18.64 -14.20 -20.41
N VAL A 223 17.59 -13.39 -20.37
CA VAL A 223 17.59 -12.11 -21.07
C VAL A 223 18.69 -11.22 -20.51
N ILE A 224 18.89 -11.25 -19.19
CA ILE A 224 19.91 -10.40 -18.59
C ILE A 224 21.30 -10.93 -18.95
N ASN A 225 21.51 -12.24 -18.82
CA ASN A 225 22.75 -12.85 -19.27
C ASN A 225 23.11 -12.41 -20.68
N ARG A 226 22.15 -12.45 -21.59
CA ARG A 226 22.45 -12.23 -23.00
C ARG A 226 22.59 -10.75 -23.34
N GLU A 227 21.74 -9.90 -22.78
CA GLU A 227 21.76 -8.51 -23.20
C GLU A 227 22.68 -7.65 -22.34
N LEU A 228 23.06 -8.13 -21.17
CA LEU A 228 23.97 -7.37 -20.32
C LEU A 228 25.21 -8.18 -19.95
N GLU A 229 25.41 -9.32 -20.59
CA GLU A 229 26.66 -10.10 -20.46
C GLU A 229 26.94 -10.43 -19.00
N ALA A 230 25.94 -11.02 -18.37
CA ALA A 230 26.00 -11.49 -16.98
C ALA A 230 26.12 -13.01 -16.95
N ASP A 231 26.35 -13.54 -15.74
CA ASP A 231 26.63 -14.97 -15.54
C ASP A 231 25.77 -15.55 -14.40
N PHE A 232 24.45 -15.36 -14.49
CA PHE A 232 23.53 -16.10 -13.64
C PHE A 232 23.65 -17.59 -13.91
N ASP A 233 23.75 -18.37 -12.84
CA ASP A 233 23.60 -19.83 -12.98
C ASP A 233 22.09 -20.10 -12.93
N VAL A 234 21.47 -20.00 -14.11
CA VAL A 234 20.01 -19.99 -14.19
C VAL A 234 19.41 -21.24 -13.52
N ASP A 235 20.05 -22.40 -13.71
CA ASP A 235 19.52 -23.62 -13.13
C ASP A 235 19.47 -23.59 -11.61
N ALA A 236 20.31 -22.78 -10.97
CA ALA A 236 20.38 -22.70 -9.51
C ALA A 236 19.50 -21.59 -8.93
N PHE A 237 18.47 -21.14 -9.65
CA PHE A 237 17.41 -20.29 -9.10
C PHE A 237 16.08 -21.00 -9.25
N GLN A 238 15.27 -21.00 -8.19
CA GLN A 238 14.02 -21.77 -8.16
C GLN A 238 12.79 -20.86 -8.20
N HIS A 239 11.82 -21.24 -9.05
CA HIS A 239 10.54 -20.55 -9.13
C HIS A 239 9.76 -20.71 -7.84
N VAL A 240 9.24 -19.59 -7.33
CA VAL A 240 8.47 -19.52 -6.09
C VAL A 240 7.26 -18.63 -6.35
N ALA A 241 6.05 -19.22 -6.28
CA ALA A 241 4.79 -18.49 -6.47
C ALA A 241 4.16 -18.20 -5.10
N ARG A 242 4.23 -16.94 -4.65
CA ARG A 242 3.80 -16.57 -3.31
C ARG A 242 2.47 -15.79 -3.35
N TRP A 243 1.64 -16.01 -2.33
CA TRP A 243 0.41 -15.25 -2.13
C TRP A 243 0.63 -14.24 -0.99
N ASN A 244 0.65 -12.96 -1.35
CA ASN A 244 0.76 -11.85 -0.38
C ASN A 244 -0.66 -11.49 0.06
N SER A 245 -1.05 -11.98 1.22
CA SER A 245 -2.44 -11.88 1.64
C SER A 245 -2.83 -10.44 2.01
N ALA A 246 -1.90 -9.69 2.60
CA ALA A 246 -2.23 -8.35 3.08
C ALA A 246 -2.34 -7.35 1.92
N GLU A 247 -1.48 -7.48 0.90
CA GLU A 247 -1.61 -6.68 -0.30
C GLU A 247 -2.58 -7.30 -1.31
N GLU A 248 -3.06 -8.51 -1.03
CA GLU A 248 -4.00 -9.25 -1.88
C GLU A 248 -3.46 -9.34 -3.32
N ARG A 249 -2.28 -9.93 -3.44
CA ARG A 249 -1.61 -10.03 -4.73
C ARG A 249 -0.74 -11.28 -4.76
N ILE A 250 -0.69 -11.92 -5.94
CA ILE A 250 0.33 -12.92 -6.24
C ILE A 250 1.67 -12.21 -6.41
N GLU A 251 2.76 -12.90 -6.01
CA GLU A 251 4.13 -12.46 -6.26
C GLU A 251 4.94 -13.61 -6.86
N MET A 252 5.80 -13.27 -7.82
CA MET A 252 6.72 -14.23 -8.43
C MET A 252 8.13 -13.90 -7.96
N TRP A 253 8.75 -14.84 -7.25
CA TRP A 253 10.11 -14.71 -6.76
C TRP A 253 11.01 -15.77 -7.39
N LEU A 254 12.31 -15.51 -7.37
CA LEU A 254 13.31 -16.53 -7.64
C LEU A 254 14.13 -16.74 -6.37
N ARG A 255 14.13 -17.97 -5.85
CA ARG A 255 14.90 -18.30 -4.66
C ARG A 255 16.24 -18.84 -5.12
N ALA A 256 17.32 -18.31 -4.57
CA ALA A 256 18.67 -18.71 -4.97
C ALA A 256 19.08 -19.91 -4.15
N ASP A 257 19.26 -21.06 -4.81
CA ASP A 257 19.79 -22.23 -4.12
C ASP A 257 21.29 -22.08 -3.97
N GLY A 258 21.76 -21.96 -2.73
CA GLY A 258 23.15 -21.71 -2.51
C GLY A 258 23.54 -20.28 -2.82
N ARG A 259 24.48 -19.76 -2.04
CA ARG A 259 25.03 -18.43 -2.27
C ARG A 259 25.46 -18.27 -3.73
N GLN A 260 24.94 -17.23 -4.38
CA GLN A 260 25.29 -16.89 -5.77
C GLN A 260 26.06 -15.58 -5.80
N ARG A 261 27.05 -15.50 -6.69
CA ARG A 261 27.74 -14.23 -6.98
C ARG A 261 27.71 -14.01 -8.48
N VAL A 262 26.86 -13.09 -8.92
CA VAL A 262 26.62 -12.85 -10.33
C VAL A 262 27.22 -11.50 -10.71
N ARG A 263 27.87 -11.44 -11.87
CA ARG A 263 28.50 -10.23 -12.35
C ARG A 263 27.85 -9.82 -13.67
N VAL A 264 27.32 -8.60 -13.72
CA VAL A 264 26.73 -8.06 -14.94
C VAL A 264 27.77 -7.14 -15.57
N GLY A 265 28.49 -7.67 -16.57
CA GLY A 265 29.55 -6.96 -17.24
C GLY A 265 29.18 -5.57 -17.68
N ALA A 266 28.22 -5.49 -18.64
CA ALA A 266 27.84 -4.23 -19.27
C ALA A 266 27.54 -3.13 -18.26
N LEU A 267 27.24 -3.49 -17.02
CA LEU A 267 27.00 -2.52 -15.97
C LEU A 267 28.19 -2.34 -15.03
N ASP A 268 29.23 -3.16 -15.19
CA ASP A 268 30.40 -3.09 -14.31
C ASP A 268 30.01 -3.29 -12.85
N LEU A 269 29.07 -4.21 -12.59
CA LEU A 269 28.49 -4.36 -11.25
C LEU A 269 28.38 -5.83 -10.86
N THR A 270 28.64 -6.11 -9.58
CA THR A 270 28.58 -7.45 -9.02
C THR A 270 27.58 -7.48 -7.87
N VAL A 271 26.62 -8.42 -7.91
CA VAL A 271 25.62 -8.57 -6.86
C VAL A 271 25.81 -9.91 -6.20
N ASP A 272 25.27 -10.04 -4.98
CA ASP A 272 25.43 -11.25 -4.18
C ASP A 272 24.08 -11.67 -3.60
N PHE A 273 23.79 -12.97 -3.70
CA PHE A 273 22.62 -13.61 -3.11
C PHE A 273 23.08 -14.54 -2.00
N ASP A 274 22.47 -14.41 -0.82
CA ASP A 274 22.66 -15.40 0.22
C ASP A 274 21.88 -16.67 -0.12
N ALA A 275 22.37 -17.80 0.39
CA ALA A 275 21.70 -19.08 0.11
C ALA A 275 20.26 -19.03 0.59
N GLY A 276 19.31 -19.22 -0.34
CA GLY A 276 17.89 -19.08 -0.06
C GLY A 276 17.32 -17.69 -0.27
N GLU A 277 18.15 -16.70 -0.62
CA GLU A 277 17.65 -15.37 -0.92
C GLU A 277 16.68 -15.41 -2.10
N GLU A 278 15.66 -14.56 -2.04
CA GLU A 278 14.61 -14.54 -3.04
C GLU A 278 14.51 -13.16 -3.68
N MET A 279 14.38 -13.13 -5.00
CA MET A 279 14.28 -11.89 -5.75
C MET A 279 12.87 -11.76 -6.32
N LEU A 280 12.29 -10.58 -6.19
CA LEU A 280 10.96 -10.34 -6.73
C LEU A 280 11.03 -10.00 -8.22
N THR A 281 10.34 -10.79 -9.06
CA THR A 281 10.34 -10.55 -10.49
C THR A 281 8.97 -10.18 -11.06
N GLU A 282 7.89 -10.32 -10.27
CA GLU A 282 6.56 -9.89 -10.68
C GLU A 282 5.65 -9.76 -9.47
N VAL A 283 4.74 -8.80 -9.54
CA VAL A 283 3.53 -8.84 -8.72
C VAL A 283 2.35 -8.90 -9.67
N SER A 284 1.29 -9.55 -9.23
CA SER A 284 0.12 -9.77 -10.05
C SER A 284 -1.08 -9.48 -9.13
N CYS A 285 -1.37 -8.18 -8.97
CA CYS A 285 -2.39 -7.70 -8.05
C CYS A 285 -3.76 -8.23 -8.43
N LYS A 286 -4.48 -8.74 -7.45
CA LYS A 286 -5.85 -9.19 -7.64
C LYS A 286 -6.81 -8.16 -7.04
N PHE A 287 -8.00 -8.08 -7.61
CA PHE A 287 -8.86 -6.93 -7.42
C PHE A 287 -10.24 -7.31 -6.87
N ARG A 288 -10.86 -6.33 -6.22
CA ARG A 288 -12.25 -6.48 -5.78
C ARG A 288 -13.14 -5.53 -6.57
N PRO A 289 -14.37 -5.97 -6.88
CA PRO A 289 -15.19 -5.19 -7.82
C PRO A 289 -15.41 -3.74 -7.41
N GLN A 290 -15.63 -3.49 -6.11
CA GLN A 290 -15.84 -2.14 -5.63
C GLN A 290 -14.54 -1.33 -5.72
N ALA A 291 -13.41 -1.99 -5.51
CA ALA A 291 -12.14 -1.27 -5.48
C ALA A 291 -11.69 -0.90 -6.87
N VAL A 292 -12.15 -1.63 -7.88
CA VAL A 292 -11.83 -1.26 -9.25
C VAL A 292 -12.61 -0.01 -9.66
N GLY A 293 -13.92 -0.01 -9.43
CA GLY A 293 -14.71 1.16 -9.78
C GLY A 293 -14.28 2.39 -9.02
N ALA A 294 -14.02 2.23 -7.72
CA ALA A 294 -13.53 3.33 -6.91
C ALA A 294 -12.21 3.87 -7.46
N GLU A 295 -11.29 2.99 -7.88
CA GLU A 295 -10.01 3.43 -8.43
C GLU A 295 -10.19 4.18 -9.74
N LEU A 296 -11.08 3.69 -10.61
CA LEU A 296 -11.41 4.42 -11.83
C LEU A 296 -11.90 5.82 -11.50
N ALA A 297 -12.71 5.95 -10.44
CA ALA A 297 -13.25 7.24 -10.06
C ALA A 297 -12.14 8.20 -9.65
N ALA A 298 -11.17 7.73 -8.86
CA ALA A 298 -10.08 8.60 -8.43
C ALA A 298 -9.36 9.24 -9.61
N ALA A 299 -9.25 8.52 -10.73
CA ALA A 299 -8.58 9.01 -11.93
C ALA A 299 -9.48 9.90 -12.79
N GLY A 300 -10.75 10.04 -12.46
CA GLY A 300 -11.67 10.84 -13.23
C GLY A 300 -12.51 10.09 -14.23
N LEU A 301 -12.64 8.78 -14.08
CA LEU A 301 -13.48 7.96 -14.95
C LEU A 301 -14.56 7.28 -14.12
N HIS A 302 -15.73 7.16 -14.72
CA HIS A 302 -16.92 6.69 -14.02
C HIS A 302 -17.36 5.38 -14.66
N ARG A 303 -17.27 4.28 -13.90
CA ARG A 303 -17.64 2.97 -14.45
C ARG A 303 -19.14 2.89 -14.73
N ILE A 304 -19.51 2.46 -15.94
CA ILE A 304 -20.91 2.33 -16.32
C ILE A 304 -21.34 0.88 -16.51
N ARG A 305 -20.40 -0.05 -16.70
CA ARG A 305 -20.69 -1.46 -16.81
C ARG A 305 -19.59 -2.24 -16.12
N TRP A 306 -20.00 -3.26 -15.38
CA TRP A 306 -19.08 -4.24 -14.80
C TRP A 306 -19.60 -5.61 -15.20
N TRP A 307 -18.68 -6.51 -15.50
CA TRP A 307 -19.01 -7.80 -16.10
C TRP A 307 -18.10 -8.88 -15.54
N THR A 308 -18.70 -10.01 -15.23
CA THR A 308 -17.99 -11.11 -14.61
C THR A 308 -18.19 -12.35 -15.47
N ASP A 309 -17.21 -13.23 -15.43
CA ASP A 309 -17.38 -14.52 -16.08
C ASP A 309 -18.38 -15.36 -15.30
N GLU A 310 -18.84 -16.45 -15.92
CA GLU A 310 -19.85 -17.28 -15.28
C GLU A 310 -19.43 -17.73 -13.88
N ALA A 311 -18.12 -17.83 -13.61
CA ALA A 311 -17.64 -18.38 -12.35
C ALA A 311 -17.23 -17.34 -11.31
N GLY A 312 -17.24 -16.05 -11.64
CA GLY A 312 -16.77 -15.01 -10.74
C GLY A 312 -15.27 -14.84 -10.65
N ASP A 313 -14.53 -15.28 -11.66
CA ASP A 313 -13.07 -15.30 -11.55
C ASP A 313 -12.40 -14.03 -12.06
N PHE A 314 -13.01 -13.33 -13.00
CA PHE A 314 -12.36 -12.25 -13.73
C PHE A 314 -13.37 -11.14 -14.01
N GLY A 315 -12.93 -9.90 -13.96
CA GLY A 315 -13.81 -8.76 -14.12
C GLY A 315 -13.40 -7.86 -15.27
N LEU A 316 -14.40 -7.40 -16.04
CA LEU A 316 -14.22 -6.41 -17.09
C LEU A 316 -15.02 -5.17 -16.74
N SER A 317 -14.36 -4.02 -16.75
CA SER A 317 -14.99 -2.73 -16.45
C SER A 317 -15.05 -1.86 -17.70
N LEU A 318 -16.12 -1.08 -17.80
CA LEU A 318 -16.30 -0.12 -18.88
C LEU A 318 -16.59 1.22 -18.23
N ALA A 319 -15.69 2.19 -18.46
CA ALA A 319 -15.77 3.47 -17.78
C ALA A 319 -15.67 4.58 -18.81
N ALA A 320 -16.32 5.70 -18.51
CA ALA A 320 -16.43 6.80 -19.45
C ALA A 320 -15.70 8.02 -18.90
N LYS A 321 -15.22 8.86 -19.83
CA LYS A 321 -14.82 10.22 -19.48
C LYS A 321 -16.01 11.11 -19.81
N GLY B 1 -12.02 25.76 36.08
CA GLY B 1 -13.26 25.44 35.39
C GLY B 1 -13.83 24.06 35.69
N PRO B 2 -14.97 23.74 35.10
CA PRO B 2 -15.63 22.46 35.38
C PRO B 2 -15.04 21.33 34.53
N VAL B 3 -15.19 20.10 35.06
CA VAL B 3 -14.75 18.87 34.43
C VAL B 3 -15.97 18.14 33.88
N SER B 4 -15.76 17.35 32.84
CA SER B 4 -16.79 16.50 32.25
C SER B 4 -16.10 15.24 31.73
N VAL B 5 -16.68 14.08 32.02
CA VAL B 5 -16.16 12.80 31.52
C VAL B 5 -17.34 12.03 31.01
N ALA B 6 -17.46 11.90 29.69
CA ALA B 6 -18.54 11.19 29.03
C ALA B 6 -18.01 9.85 28.52
N ASN B 7 -18.63 8.76 28.98
CA ASN B 7 -18.09 7.42 28.78
C ASN B 7 -18.96 6.66 27.79
N HIS B 8 -18.36 6.29 26.66
CA HIS B 8 -19.04 5.55 25.61
C HIS B 8 -18.55 4.11 25.47
N LEU B 9 -17.59 3.69 26.29
CA LEU B 9 -17.15 2.30 26.27
C LEU B 9 -17.88 1.53 27.37
N GLY B 10 -18.61 0.49 26.98
CA GLY B 10 -19.19 -0.41 27.96
C GLY B 10 -18.08 -0.97 28.82
N GLU B 11 -18.43 -1.45 30.01
CA GLU B 11 -17.42 -1.71 31.03
C GLU B 11 -16.42 -2.80 30.62
N ASP B 12 -16.66 -3.56 29.55
CA ASP B 12 -15.70 -4.59 29.15
C ASP B 12 -15.41 -4.59 27.65
N ALA B 13 -15.50 -3.41 27.00
CA ALA B 13 -15.03 -3.28 25.62
C ALA B 13 -13.63 -3.85 25.47
N GLY B 14 -12.76 -3.59 26.44
CA GLY B 14 -11.37 -3.99 26.33
C GLY B 14 -11.22 -5.49 26.34
N HIS B 15 -11.89 -6.17 27.28
CA HIS B 15 -11.75 -7.61 27.37
C HIS B 15 -12.19 -8.27 26.08
N LEU B 16 -13.36 -7.87 25.57
CA LEU B 16 -13.89 -8.44 24.33
C LEU B 16 -13.00 -8.08 23.14
N ALA B 17 -12.48 -6.84 23.12
CA ALA B 17 -11.51 -6.47 22.09
C ALA B 17 -10.29 -7.37 22.15
N LEU B 18 -9.82 -7.65 23.37
CA LEU B 18 -8.66 -8.54 23.55
C LEU B 18 -8.96 -9.94 23.06
N ARG B 19 -10.08 -10.53 23.53
CA ARG B 19 -10.47 -11.85 23.04
C ARG B 19 -10.51 -11.90 21.52
N ARG B 20 -11.12 -10.87 20.89
CA ARG B 20 -11.17 -10.77 19.44
C ARG B 20 -9.76 -10.77 18.83
N ASP B 21 -8.93 -9.80 19.21
CA ASP B 21 -7.65 -9.59 18.52
C ASP B 21 -6.71 -10.78 18.68
N VAL B 22 -6.85 -11.54 19.74
CA VAL B 22 -5.92 -12.65 19.99
C VAL B 22 -6.38 -13.92 19.28
N TYR B 23 -7.69 -14.21 19.39
CA TYR B 23 -8.28 -15.33 18.67
C TYR B 23 -8.12 -15.17 17.16
N SER B 24 -8.25 -13.94 16.67
CA SER B 24 -8.04 -13.69 15.25
C SER B 24 -6.55 -13.69 14.90
N GLY B 25 -5.75 -12.90 15.63
CA GLY B 25 -4.35 -12.69 15.25
C GLY B 25 -3.48 -13.92 15.39
N LEU B 26 -3.82 -14.83 16.31
CA LEU B 26 -3.01 -16.02 16.53
C LEU B 26 -3.25 -17.12 15.51
N GLN B 27 -4.24 -16.96 14.64
CA GLN B 27 -4.56 -17.93 13.61
C GLN B 27 -4.21 -17.45 12.20
N LYS B 28 -3.71 -16.23 12.04
CA LYS B 28 -3.24 -15.78 10.74
C LYS B 28 -1.86 -16.35 10.43
N THR B 29 -1.47 -16.27 9.15
CA THR B 29 -0.08 -16.58 8.77
C THR B 29 0.57 -15.37 8.12
N PRO B 30 1.55 -14.73 8.76
CA PRO B 30 2.05 -15.10 10.08
C PRO B 30 1.14 -14.57 11.18
N LYS B 31 1.31 -15.06 12.40
CA LYS B 31 0.52 -14.55 13.51
C LYS B 31 0.91 -13.11 13.79
N SER B 32 -0.07 -12.28 14.11
CA SER B 32 0.24 -10.92 14.48
C SER B 32 -0.73 -10.45 15.55
N LEU B 33 -0.26 -9.53 16.39
CA LEU B 33 -1.08 -8.92 17.41
C LEU B 33 -1.03 -7.41 17.30
N PRO B 34 -2.11 -6.73 17.67
CA PRO B 34 -2.13 -5.26 17.69
C PRO B 34 -1.26 -4.68 18.79
N PRO B 35 -0.50 -3.63 18.49
CA PRO B 35 0.32 -2.99 19.53
C PRO B 35 -0.48 -2.32 20.63
N LYS B 36 -1.79 -2.13 20.44
CA LYS B 36 -2.60 -1.48 21.47
C LYS B 36 -2.57 -2.22 22.79
N TRP B 37 -2.12 -3.47 22.81
CA TRP B 37 -2.16 -4.28 24.01
C TRP B 37 -0.84 -4.29 24.77
N PHE B 38 0.17 -3.54 24.33
CA PHE B 38 1.41 -3.43 25.09
C PHE B 38 1.17 -2.73 26.42
N TYR B 39 0.28 -1.74 26.42
CA TYR B 39 0.27 -0.70 27.44
C TYR B 39 -0.65 -1.02 28.62
N ASP B 40 -0.50 -2.20 29.24
CA ASP B 40 -1.05 -2.40 30.57
C ASP B 40 -0.19 -1.58 31.54
N THR B 41 -0.38 -1.75 32.84
CA THR B 41 0.36 -0.91 33.77
C THR B 41 1.88 -1.09 33.62
N VAL B 42 2.34 -2.35 33.59
CA VAL B 42 3.77 -2.62 33.44
C VAL B 42 4.27 -2.17 32.08
N GLY B 43 3.47 -2.35 31.03
CA GLY B 43 3.88 -1.90 29.70
C GLY B 43 4.04 -0.40 29.63
N SER B 44 3.03 0.34 30.09
CA SER B 44 3.10 1.80 30.04
C SER B 44 4.30 2.32 30.81
N GLU B 45 4.60 1.70 31.96
CA GLU B 45 5.80 2.06 32.70
C GLU B 45 7.06 1.80 31.89
N LEU B 46 7.07 0.73 31.09
CA LEU B 46 8.24 0.41 30.27
C LEU B 46 8.36 1.38 29.08
N PHE B 47 7.22 1.68 28.42
CA PHE B 47 7.26 2.67 27.34
C PHE B 47 7.78 4.00 27.84
N ASP B 48 7.46 4.37 29.07
CA ASP B 48 7.98 5.62 29.58
C ASP B 48 9.50 5.58 29.68
N GLN B 49 10.05 4.46 30.15
CA GLN B 49 11.50 4.32 30.18
C GLN B 49 12.09 4.44 28.79
N ILE B 50 11.38 3.87 27.80
CA ILE B 50 11.86 3.92 26.41
C ILE B 50 12.09 5.35 25.97
N THR B 51 11.15 6.26 26.30
CA THR B 51 11.23 7.62 25.78
C THR B 51 12.39 8.40 26.38
N ARG B 52 12.85 8.02 27.57
CA ARG B 52 14.04 8.63 28.15
C ARG B 52 15.32 7.92 27.73
N LEU B 53 15.27 7.09 26.65
CA LEU B 53 16.51 6.40 26.31
C LEU B 53 17.30 7.18 25.26
N PRO B 54 18.63 7.11 25.30
CA PRO B 54 19.43 7.70 24.23
C PRO B 54 19.03 7.23 22.84
N GLU B 55 18.84 5.92 22.65
CA GLU B 55 18.59 5.40 21.30
C GLU B 55 17.22 5.81 20.76
N TYR B 56 16.24 6.06 21.64
CA TYR B 56 14.89 6.39 21.19
C TYR B 56 14.81 7.89 21.01
N TYR B 57 15.19 8.36 19.83
CA TYR B 57 15.24 9.80 19.52
C TYR B 57 13.86 10.48 19.37
N PRO B 58 12.80 9.81 18.90
CA PRO B 58 11.61 10.57 18.47
C PRO B 58 10.90 11.35 19.57
N THR B 59 10.90 10.88 20.82
CA THR B 59 10.22 11.64 21.87
C THR B 59 10.93 12.96 22.09
N ARG B 60 12.26 12.92 22.18
CA ARG B 60 13.03 14.14 22.38
C ARG B 60 13.00 15.04 21.15
N ALA B 61 12.89 14.47 19.95
CA ALA B 61 12.98 15.29 18.76
C ALA B 61 11.68 16.04 18.49
N GLU B 62 10.52 15.45 18.82
CA GLU B 62 9.25 16.18 18.73
C GLU B 62 9.14 17.25 19.82
N ALA B 63 9.70 16.98 21.00
CA ALA B 63 9.72 17.97 22.07
C ALA B 63 10.49 19.22 21.64
N GLU B 64 11.61 19.04 20.95
CA GLU B 64 12.44 20.16 20.50
C GLU B 64 11.69 21.04 19.52
N ILE B 65 11.03 20.41 18.53
CA ILE B 65 10.14 21.14 17.64
C ILE B 65 9.11 21.93 18.44
N LEU B 66 8.36 21.27 19.30
CA LEU B 66 7.27 21.91 20.07
C LEU B 66 7.75 23.03 20.98
N ARG B 67 9.00 22.97 21.41
CA ARG B 67 9.59 24.02 22.28
C ARG B 67 9.85 25.26 21.45
N ALA B 68 10.19 25.05 20.19
CA ALA B 68 10.46 26.19 19.32
C ALA B 68 9.22 26.69 18.59
N ARG B 69 8.23 25.84 18.35
CA ARG B 69 7.11 26.24 17.47
C ARG B 69 5.70 26.17 18.06
N SER B 70 5.47 25.94 19.34
CA SER B 70 4.09 25.83 19.87
C SER B 70 3.34 27.15 19.77
N ALA B 71 4.07 28.22 20.02
CA ALA B 71 3.60 29.60 19.88
C ALA B 71 3.18 29.85 18.42
N GLU B 72 3.91 29.34 17.46
CA GLU B 72 3.47 29.51 16.09
C GLU B 72 2.29 28.60 15.74
N VAL B 73 2.21 27.38 16.29
CA VAL B 73 0.98 26.58 16.16
C VAL B 73 -0.20 27.33 16.78
N ALA B 74 -0.01 27.89 17.96
CA ALA B 74 -1.10 28.62 18.60
C ALA B 74 -1.59 29.75 17.70
N SER B 75 -0.66 30.59 17.23
CA SER B 75 -1.01 31.75 16.40
C SER B 75 -1.64 31.33 15.07
N ALA B 76 -1.07 30.33 14.41
CA ALA B 76 -1.56 29.92 13.09
C ALA B 76 -2.91 29.25 13.16
N CYS B 77 -3.18 28.45 14.18
CA CYS B 77 -4.46 27.77 14.21
C CYS B 77 -5.54 28.60 14.89
N ARG B 78 -5.16 29.59 15.72
CA ARG B 78 -6.11 30.53 16.33
C ARG B 78 -7.14 29.81 17.19
N ALA B 79 -6.79 28.61 17.66
CA ALA B 79 -7.78 27.75 18.28
C ALA B 79 -8.14 28.27 19.68
N ASP B 80 -9.40 28.01 20.09
CA ASP B 80 -9.81 28.17 21.48
C ASP B 80 -9.99 26.84 22.18
N THR B 81 -9.77 25.74 21.48
CA THR B 81 -10.04 24.41 22.02
C THR B 81 -8.92 23.47 21.61
N LEU B 82 -8.39 22.72 22.57
CA LEU B 82 -7.39 21.68 22.34
C LEU B 82 -8.02 20.31 22.54
N VAL B 83 -8.08 19.52 21.46
CA VAL B 83 -8.64 18.17 21.45
C VAL B 83 -7.46 17.21 21.34
N GLU B 84 -7.27 16.35 22.34
CA GLU B 84 -6.14 15.43 22.32
C GLU B 84 -6.60 14.03 21.97
N LEU B 85 -6.07 13.50 20.87
CA LEU B 85 -6.24 12.11 20.53
C LEU B 85 -5.12 11.32 21.22
N GLY B 86 -5.22 11.28 22.53
CA GLY B 86 -4.22 10.63 23.35
C GLY B 86 -4.50 10.84 24.80
N SER B 87 -3.64 10.23 25.58
CA SER B 87 -3.59 10.11 27.06
C SER B 87 -3.89 11.41 27.84
N GLY B 88 -3.19 12.52 27.53
CA GLY B 88 -3.32 13.86 28.16
C GLY B 88 -2.25 14.13 29.19
N THR B 89 -1.39 13.13 29.45
CA THR B 89 -0.31 13.11 30.44
C THR B 89 0.95 13.81 29.97
N SER B 90 1.03 14.21 28.71
CA SER B 90 2.28 14.66 28.10
C SER B 90 2.81 15.90 28.79
N GLU B 91 4.14 15.98 28.87
CA GLU B 91 4.83 17.28 28.93
C GLU B 91 4.51 18.12 27.71
N LYS B 92 4.33 17.47 26.55
CA LYS B 92 3.99 18.16 25.30
C LYS B 92 2.60 18.77 25.37
N THR B 93 1.65 18.07 25.98
CA THR B 93 0.29 18.57 26.14
C THR B 93 0.25 19.91 26.87
N ARG B 94 1.11 20.10 27.87
CA ARG B 94 1.12 21.37 28.58
C ARG B 94 1.76 22.48 27.75
N MET B 95 2.72 22.13 26.88
CA MET B 95 3.31 23.11 25.97
C MET B 95 2.24 23.79 25.12
N LEU B 96 1.31 23.00 24.56
CA LEU B 96 0.28 23.54 23.69
C LEU B 96 -0.79 24.29 24.47
N LEU B 97 -1.20 23.77 25.63
CA LEU B 97 -2.15 24.50 26.47
C LEU B 97 -1.53 25.82 26.92
N ASP B 98 -0.23 25.83 27.23
CA ASP B 98 0.44 27.08 27.56
C ASP B 98 0.45 28.03 26.36
N ALA B 99 0.67 27.49 25.16
CA ALA B 99 0.72 28.32 23.97
C ALA B 99 -0.61 29.02 23.73
N LEU B 100 -1.72 28.28 23.83
CA LEU B 100 -3.03 28.86 23.61
C LEU B 100 -3.42 29.78 24.74
N ARG B 101 -3.09 29.40 25.99
CA ARG B 101 -3.34 30.27 27.14
C ARG B 101 -2.57 31.59 27.02
N HIS B 102 -1.31 31.51 26.57
CA HIS B 102 -0.52 32.72 26.31
C HIS B 102 -1.22 33.67 25.33
N ARG B 103 -1.87 33.11 24.29
CA ARG B 103 -2.65 33.94 23.38
C ARG B 103 -3.90 34.50 24.02
N GLY B 104 -4.24 34.05 25.24
CA GLY B 104 -5.50 34.40 25.85
C GLY B 104 -6.70 33.75 25.22
N SER B 105 -6.53 32.58 24.60
CA SER B 105 -7.61 31.96 23.87
C SER B 105 -7.96 30.56 24.36
N LEU B 106 -7.34 30.06 25.43
CA LEU B 106 -7.61 28.68 25.83
C LEU B 106 -8.94 28.63 26.59
N ARG B 107 -10.00 28.20 25.91
CA ARG B 107 -11.31 28.06 26.54
C ARG B 107 -11.66 26.63 26.96
N ARG B 108 -11.09 25.61 26.30
CA ARG B 108 -11.54 24.24 26.50
C ARG B 108 -10.46 23.25 26.14
N PHE B 109 -10.36 22.18 26.94
CA PHE B 109 -9.49 21.03 26.70
C PHE B 109 -10.34 19.76 26.61
N VAL B 110 -10.16 19.00 25.53
CA VAL B 110 -10.93 17.78 25.26
C VAL B 110 -9.97 16.60 25.10
N PRO B 111 -9.64 15.87 26.16
CA PRO B 111 -8.84 14.65 25.99
C PRO B 111 -9.71 13.45 25.59
N PHE B 112 -9.17 12.63 24.69
CA PHE B 112 -9.92 11.55 24.04
C PHE B 112 -9.08 10.28 24.11
N ASP B 113 -9.49 9.33 24.95
CA ASP B 113 -8.78 8.06 25.08
C ASP B 113 -9.76 6.99 25.50
N VAL B 114 -9.25 5.78 25.70
CA VAL B 114 -10.09 4.63 26.01
C VAL B 114 -10.04 4.25 27.49
N ASP B 115 -9.03 4.71 28.24
CA ASP B 115 -8.88 4.39 29.65
C ASP B 115 -9.50 5.52 30.45
N ALA B 116 -10.76 5.32 30.85
CA ALA B 116 -11.51 6.36 31.53
C ALA B 116 -10.89 6.77 32.85
N SER B 117 -10.01 5.94 33.42
CA SER B 117 -9.37 6.36 34.67
C SER B 117 -8.14 7.20 34.46
N VAL B 118 -7.47 7.09 33.30
CA VAL B 118 -6.44 8.07 32.99
C VAL B 118 -7.09 9.35 32.46
N LEU B 119 -8.24 9.24 31.77
CA LEU B 119 -8.95 10.44 31.37
C LEU B 119 -9.41 11.20 32.61
N SER B 120 -9.92 10.47 33.62
CA SER B 120 -10.33 11.07 34.89
C SER B 120 -9.15 11.68 35.65
N ALA B 121 -7.93 11.13 35.49
CA ALA B 121 -6.76 11.71 36.13
C ALA B 121 -6.17 12.88 35.34
N THR B 122 -6.13 12.77 34.01
CA THR B 122 -5.76 13.91 33.19
C THR B 122 -6.69 15.09 33.46
N ALA B 123 -7.98 14.83 33.64
CA ALA B 123 -8.94 15.92 33.78
C ALA B 123 -8.77 16.66 35.10
N THR B 124 -8.53 15.94 36.19
CA THR B 124 -8.38 16.61 37.47
C THR B 124 -7.09 17.43 37.51
N ALA B 125 -6.03 16.91 36.90
CA ALA B 125 -4.73 17.59 36.96
C ALA B 125 -4.76 18.88 36.15
N ILE B 126 -5.34 18.84 34.96
CA ILE B 126 -5.44 20.04 34.14
C ILE B 126 -6.39 21.06 34.76
N GLN B 127 -7.38 20.61 35.54
CA GLN B 127 -8.28 21.55 36.22
C GLN B 127 -7.58 22.29 37.35
N ARG B 128 -6.65 21.63 38.04
CA ARG B 128 -5.90 22.30 39.10
C ARG B 128 -4.86 23.27 38.50
N GLU B 129 -4.27 22.92 37.37
CA GLU B 129 -3.19 23.71 36.81
C GLU B 129 -3.67 24.80 35.86
N TYR B 130 -4.92 24.74 35.41
CA TYR B 130 -5.46 25.67 34.41
C TYR B 130 -6.84 26.14 34.89
N SER B 131 -6.86 27.26 35.61
CA SER B 131 -8.13 27.91 35.90
C SER B 131 -8.71 28.50 34.60
N GLY B 132 -10.02 28.44 34.48
CA GLY B 132 -10.69 29.01 33.32
C GLY B 132 -10.88 28.06 32.15
N VAL B 133 -10.38 26.84 32.25
CA VAL B 133 -10.55 25.86 31.19
C VAL B 133 -11.63 24.88 31.59
N GLU B 134 -12.57 24.66 30.68
CA GLU B 134 -13.49 23.53 30.78
C GLU B 134 -12.83 22.29 30.18
N ILE B 135 -12.82 21.19 30.93
CA ILE B 135 -12.24 19.93 30.46
C ILE B 135 -13.37 18.97 30.10
N ASN B 136 -13.52 18.68 28.81
CA ASN B 136 -14.58 17.78 28.31
C ASN B 136 -13.91 16.48 27.85
N ALA B 137 -13.58 15.63 28.81
CA ALA B 137 -12.94 14.35 28.49
C ALA B 137 -13.96 13.39 27.89
N VAL B 138 -13.55 12.65 26.88
CA VAL B 138 -14.43 11.74 26.15
C VAL B 138 -13.78 10.36 26.11
N CYS B 139 -14.40 9.37 26.76
CA CYS B 139 -13.89 8.01 26.71
C CYS B 139 -14.55 7.28 25.55
N GLY B 140 -13.74 6.80 24.62
CA GLY B 140 -14.23 6.18 23.40
C GLY B 140 -13.04 5.86 22.52
N ASP B 141 -13.32 5.17 21.41
CA ASP B 141 -12.26 4.75 20.50
C ASP B 141 -12.37 5.45 19.14
N PHE B 142 -11.29 5.34 18.35
CA PHE B 142 -11.24 6.05 17.07
C PHE B 142 -12.31 5.57 16.12
N GLU B 143 -12.58 4.26 16.10
CA GLU B 143 -13.38 3.67 15.04
C GLU B 143 -14.84 4.08 15.09
N GLU B 144 -15.32 4.62 16.20
CA GLU B 144 -16.75 4.89 16.27
C GLU B 144 -17.13 6.09 17.12
N HIS B 145 -16.19 6.85 17.68
CA HIS B 145 -16.58 7.87 18.66
C HIS B 145 -15.97 9.23 18.39
N LEU B 146 -15.29 9.43 17.26
CA LEU B 146 -14.82 10.77 16.92
C LEU B 146 -15.97 11.76 16.87
N THR B 147 -17.17 11.31 16.50
CA THR B 147 -18.35 12.17 16.51
C THR B 147 -18.79 12.56 17.92
N GLU B 148 -18.42 11.80 18.94
CA GLU B 148 -18.79 12.16 20.30
C GLU B 148 -17.99 13.33 20.88
N ILE B 149 -16.88 13.73 20.24
CA ILE B 149 -16.09 14.90 20.65
C ILE B 149 -16.93 16.17 20.46
N PRO B 150 -17.14 17.00 21.50
CA PRO B 150 -17.98 18.21 21.31
C PRO B 150 -17.46 19.09 20.19
N ARG B 151 -18.36 19.94 19.70
CA ARG B 151 -18.04 20.82 18.58
C ARG B 151 -18.24 22.26 19.01
N GLY B 152 -17.91 23.18 18.11
CA GLY B 152 -17.96 24.59 18.48
C GLY B 152 -16.65 25.08 19.05
N GLY B 153 -16.42 26.38 18.89
CA GLY B 153 -15.09 26.92 19.10
C GLY B 153 -14.17 26.49 17.97
N ARG B 154 -12.96 27.00 17.95
CA ARG B 154 -11.99 26.62 16.93
C ARG B 154 -11.12 25.53 17.54
N ARG B 155 -11.20 24.33 17.01
CA ARG B 155 -10.56 23.18 17.63
C ARG B 155 -9.25 22.83 16.92
N LEU B 156 -8.19 22.70 17.70
CA LEU B 156 -6.93 22.12 17.25
C LEU B 156 -6.92 20.67 17.73
N PHE B 157 -6.95 19.73 16.77
CA PHE B 157 -6.81 18.31 17.07
C PHE B 157 -5.34 17.92 17.04
N VAL B 158 -4.90 17.19 18.07
CA VAL B 158 -3.49 16.87 18.29
C VAL B 158 -3.31 15.35 18.31
N PHE B 159 -2.31 14.85 17.57
CA PHE B 159 -2.09 13.39 17.39
C PHE B 159 -0.58 13.18 17.18
N LEU B 160 0.14 13.13 18.29
CA LEU B 160 1.58 13.32 18.39
C LEU B 160 2.30 11.98 18.50
N GLY B 161 3.62 12.07 18.71
CA GLY B 161 4.45 10.91 18.97
C GLY B 161 4.62 9.93 17.84
N SER B 162 4.18 10.29 16.62
CA SER B 162 4.09 9.36 15.49
C SER B 162 3.18 8.16 15.82
N THR B 163 2.13 8.38 16.63
CA THR B 163 1.18 7.30 16.90
C THR B 163 0.58 6.76 15.60
N ILE B 164 0.34 7.66 14.64
CA ILE B 164 -0.22 7.27 13.36
C ILE B 164 0.68 6.30 12.62
N GLY B 165 1.96 6.20 13.01
CA GLY B 165 2.84 5.23 12.41
C GLY B 165 2.44 3.79 12.67
N ASN B 166 1.56 3.55 13.65
CA ASN B 166 1.06 2.22 13.99
C ASN B 166 -0.09 1.79 13.11
N LEU B 167 -0.34 2.50 12.02
CA LEU B 167 -1.43 2.23 11.09
C LEU B 167 -0.87 2.06 9.70
N THR B 168 -1.07 0.87 9.11
CA THR B 168 -0.60 0.63 7.74
C THR B 168 -1.39 1.49 6.76
N PRO B 169 -0.83 1.75 5.54
CA PRO B 169 -1.48 2.67 4.59
C PRO B 169 -3.01 2.67 4.58
N GLY B 170 -3.63 1.48 4.50
CA GLY B 170 -5.07 1.35 4.33
C GLY B 170 -5.89 1.81 5.53
N PRO B 171 -5.66 1.17 6.68
CA PRO B 171 -6.25 1.67 7.93
C PRO B 171 -5.78 3.08 8.30
N ARG B 172 -4.63 3.51 7.77
CA ARG B 172 -4.12 4.85 8.06
C ARG B 172 -4.97 5.92 7.38
N ALA B 173 -5.37 5.69 6.12
CA ALA B 173 -6.18 6.68 5.42
C ALA B 173 -7.60 6.75 5.95
N GLN B 174 -8.17 5.63 6.42
CA GLN B 174 -9.54 5.67 6.93
C GLN B 174 -9.61 6.43 8.24
N PHE B 175 -8.55 6.36 9.05
CA PHE B 175 -8.48 7.16 10.26
C PHE B 175 -8.51 8.64 9.89
N LEU B 176 -7.68 9.03 8.92
CA LEU B 176 -7.53 10.43 8.57
C LEU B 176 -8.78 10.99 7.93
N THR B 177 -9.47 10.19 7.11
CA THR B 177 -10.68 10.72 6.50
C THR B 177 -11.80 10.82 7.53
N ALA B 178 -11.95 9.80 8.39
CA ALA B 178 -12.91 9.86 9.49
C ALA B 178 -12.67 11.09 10.36
N LEU B 179 -11.40 11.33 10.71
CA LEU B 179 -11.03 12.51 11.49
C LEU B 179 -11.38 13.79 10.73
N ALA B 180 -11.00 13.87 9.45
CA ALA B 180 -11.38 15.04 8.67
C ALA B 180 -12.89 15.21 8.62
N GLY B 181 -13.64 14.09 8.63
CA GLY B 181 -15.08 14.16 8.56
C GLY B 181 -15.73 14.86 9.73
N VAL B 182 -15.10 14.79 10.92
CA VAL B 182 -15.67 15.42 12.11
C VAL B 182 -15.12 16.81 12.36
N MET B 183 -14.14 17.26 11.57
CA MET B 183 -13.59 18.60 11.71
C MET B 183 -14.47 19.58 10.96
N ARG B 184 -14.64 20.74 11.54
CA ARG B 184 -15.38 21.80 10.87
C ARG B 184 -14.41 22.73 10.16
N PRO B 185 -14.85 23.43 9.12
CA PRO B 185 -13.99 24.47 8.54
C PRO B 185 -13.37 25.38 9.60
N GLY B 186 -12.05 25.60 9.48
CA GLY B 186 -11.28 26.40 10.41
C GLY B 186 -10.56 25.58 11.47
N ASP B 187 -11.04 24.37 11.73
CA ASP B 187 -10.35 23.42 12.57
C ASP B 187 -9.02 23.01 11.95
N SER B 188 -8.12 22.50 12.78
CA SER B 188 -6.79 22.14 12.32
C SER B 188 -6.33 20.88 13.05
N LEU B 189 -5.26 20.28 12.52
CA LEU B 189 -4.68 19.04 13.04
C LEU B 189 -3.18 19.24 13.17
N LEU B 190 -2.63 18.89 14.35
CA LEU B 190 -1.19 18.81 14.56
C LEU B 190 -0.81 17.32 14.56
N LEU B 191 -0.08 16.89 13.54
CA LEU B 191 0.27 15.47 13.40
C LEU B 191 1.78 15.30 13.51
N GLY B 192 2.20 14.38 14.38
CA GLY B 192 3.60 13.99 14.46
C GLY B 192 3.92 12.79 13.59
N THR B 193 5.06 12.84 12.92
CA THR B 193 5.53 11.72 12.10
C THR B 193 7.03 11.60 12.20
N ASP B 194 7.50 10.40 12.53
CA ASP B 194 8.90 10.06 12.48
C ASP B 194 9.31 9.82 11.03
N LEU B 195 10.47 10.36 10.64
CA LEU B 195 10.86 10.40 9.25
C LEU B 195 11.82 9.26 8.90
N VAL B 196 11.76 8.84 7.64
CA VAL B 196 12.69 7.83 7.12
C VAL B 196 14.13 8.32 7.28
N LYS B 197 15.00 7.46 7.80
CA LYS B 197 16.38 7.83 8.03
C LYS B 197 17.27 6.62 7.77
N ASP B 198 18.45 6.62 8.39
CA ASP B 198 19.40 5.52 8.25
C ASP B 198 18.89 4.31 9.02
N ALA B 199 18.84 3.15 8.33
CA ALA B 199 18.19 1.97 8.90
C ALA B 199 18.86 1.51 10.19
N ALA B 200 20.21 1.57 10.25
CA ALA B 200 20.90 1.20 11.48
C ALA B 200 20.42 2.04 12.66
N ARG B 201 20.16 3.33 12.44
CA ARG B 201 19.70 4.20 13.51
C ARG B 201 18.29 3.84 13.96
N LEU B 202 17.43 3.44 13.02
CA LEU B 202 16.07 3.04 13.36
C LEU B 202 16.06 1.71 14.12
N VAL B 203 16.87 0.75 13.70
CA VAL B 203 16.83 -0.54 14.37
C VAL B 203 17.41 -0.42 15.78
N ARG B 204 18.40 0.46 15.97
CA ARG B 204 18.95 0.69 17.30
C ARG B 204 17.95 1.38 18.21
N ALA B 205 16.94 2.04 17.65
CA ALA B 205 15.91 2.69 18.46
C ALA B 205 14.85 1.70 18.93
N TYR B 206 14.65 0.62 18.19
CA TYR B 206 13.70 -0.42 18.57
C TYR B 206 14.39 -1.67 19.11
N ASP B 207 15.65 -1.54 19.52
CA ASP B 207 16.34 -2.63 20.22
C ASP B 207 17.48 -2.07 21.06
N ASP B 208 17.15 -1.38 22.14
CA ASP B 208 18.17 -0.74 22.95
C ASP B 208 19.07 -1.80 23.60
N PRO B 209 20.33 -1.46 23.83
CA PRO B 209 21.28 -2.44 24.40
C PRO B 209 20.87 -3.03 25.74
N GLY B 210 20.29 -2.22 26.63
CA GLY B 210 19.83 -2.77 27.89
C GLY B 210 18.63 -3.67 27.75
N GLY B 211 17.84 -3.51 26.69
CA GLY B 211 16.74 -4.42 26.45
C GLY B 211 15.43 -4.01 27.06
N VAL B 212 15.18 -2.70 27.22
CA VAL B 212 13.87 -2.25 27.67
C VAL B 212 12.83 -2.50 26.60
N THR B 213 13.12 -2.09 25.37
CA THR B 213 12.22 -2.39 24.27
C THR B 213 11.95 -3.88 24.17
N ALA B 214 12.94 -4.70 24.47
CA ALA B 214 12.74 -6.14 24.46
C ALA B 214 11.77 -6.56 25.56
N GLN B 215 11.86 -5.92 26.73
CA GLN B 215 10.91 -6.23 27.80
C GLN B 215 9.51 -5.77 27.44
N PHE B 216 9.39 -4.56 26.89
CA PHE B 216 8.12 -3.97 26.53
C PHE B 216 7.43 -4.72 25.37
N ASN B 217 8.21 -5.40 24.52
CA ASN B 217 7.62 -6.24 23.46
C ASN B 217 7.22 -7.59 24.03
N ARG B 218 8.10 -8.19 24.84
CA ARG B 218 7.74 -9.43 25.51
C ARG B 218 6.55 -9.25 26.43
N ASN B 219 6.28 -8.01 26.86
CA ASN B 219 5.18 -7.81 27.81
C ASN B 219 3.84 -8.17 27.21
N VAL B 220 3.68 -8.15 25.88
CA VAL B 220 2.37 -8.49 25.32
C VAL B 220 2.03 -9.94 25.57
N LEU B 221 3.04 -10.82 25.62
CA LEU B 221 2.78 -12.22 25.95
C LEU B 221 2.37 -12.37 27.42
N ALA B 222 2.82 -11.46 28.28
CA ALA B 222 2.40 -11.49 29.67
C ALA B 222 0.96 -11.06 29.81
N VAL B 223 0.59 -9.97 29.15
CA VAL B 223 -0.79 -9.48 29.23
C VAL B 223 -1.76 -10.57 28.78
N ILE B 224 -1.46 -11.20 27.64
CA ILE B 224 -2.34 -12.27 27.16
C ILE B 224 -2.38 -13.41 28.17
N ASN B 225 -1.22 -13.72 28.77
CA ASN B 225 -1.16 -14.80 29.75
C ASN B 225 -2.09 -14.52 30.92
N ARG B 226 -2.08 -13.29 31.44
CA ARG B 226 -2.83 -12.97 32.65
C ARG B 226 -4.30 -12.69 32.38
N GLU B 227 -4.65 -12.16 31.20
CA GLU B 227 -6.01 -11.74 30.92
C GLU B 227 -6.84 -12.80 30.22
N LEU B 228 -6.19 -13.81 29.64
CA LEU B 228 -6.90 -14.88 28.93
C LEU B 228 -6.36 -16.24 29.30
N GLU B 229 -5.46 -16.30 30.29
CA GLU B 229 -4.95 -17.55 30.86
C GLU B 229 -4.28 -18.42 29.81
N ALA B 230 -3.19 -17.88 29.25
CA ALA B 230 -2.36 -18.61 28.32
C ALA B 230 -1.13 -19.18 29.04
N ASP B 231 -0.42 -20.08 28.33
CA ASP B 231 0.83 -20.63 28.82
C ASP B 231 1.98 -20.28 27.87
N PHE B 232 2.07 -19.00 27.47
CA PHE B 232 3.26 -18.53 26.79
C PHE B 232 4.45 -18.70 27.72
N ASP B 233 5.46 -19.44 27.28
CA ASP B 233 6.76 -19.39 27.93
C ASP B 233 7.39 -18.09 27.46
N VAL B 234 7.15 -17.01 28.22
CA VAL B 234 7.51 -15.66 27.79
C VAL B 234 9.01 -15.57 27.48
N ASP B 235 9.84 -16.21 28.30
CA ASP B 235 11.29 -16.14 28.12
C ASP B 235 11.81 -16.99 26.96
N ALA B 236 10.98 -17.86 26.37
CA ALA B 236 11.35 -18.62 25.20
C ALA B 236 11.09 -17.87 23.90
N PHE B 237 10.76 -16.57 23.99
CA PHE B 237 10.47 -15.72 22.85
C PHE B 237 11.44 -14.55 22.84
N GLN B 238 12.06 -14.30 21.69
CA GLN B 238 13.16 -13.36 21.58
C GLN B 238 12.71 -12.12 20.80
N HIS B 239 13.21 -10.97 21.26
CA HIS B 239 12.92 -9.69 20.62
C HIS B 239 13.72 -9.54 19.32
N VAL B 240 13.03 -9.21 18.23
CA VAL B 240 13.67 -8.93 16.96
C VAL B 240 13.06 -7.64 16.43
N ALA B 241 13.86 -6.57 16.33
CA ALA B 241 13.48 -5.36 15.62
C ALA B 241 13.92 -5.48 14.17
N ARG B 242 12.99 -5.22 13.23
CA ARG B 242 13.24 -5.43 11.82
C ARG B 242 12.91 -4.17 11.02
N TRP B 243 13.78 -3.83 10.07
CA TRP B 243 13.55 -2.70 9.17
C TRP B 243 13.08 -3.27 7.82
N ASN B 244 11.78 -3.14 7.55
CA ASN B 244 11.19 -3.53 6.27
C ASN B 244 11.52 -2.45 5.24
N SER B 245 12.58 -2.67 4.47
CA SER B 245 13.05 -1.66 3.53
C SER B 245 11.98 -1.31 2.52
N ALA B 246 11.33 -2.34 1.96
CA ALA B 246 10.42 -2.13 0.84
C ALA B 246 9.19 -1.35 1.27
N GLU B 247 8.70 -1.58 2.49
CA GLU B 247 7.57 -0.85 3.03
C GLU B 247 7.98 0.34 3.89
N GLU B 248 9.28 0.52 4.14
CA GLU B 248 9.79 1.69 4.86
C GLU B 248 9.10 1.81 6.22
N ARG B 249 9.37 0.83 7.07
CA ARG B 249 8.71 0.80 8.37
C ARG B 249 9.46 -0.18 9.27
N ILE B 250 9.66 0.24 10.52
CA ILE B 250 10.12 -0.69 11.54
C ILE B 250 9.00 -1.66 11.86
N GLU B 251 9.37 -2.91 12.12
CA GLU B 251 8.46 -3.95 12.59
C GLU B 251 9.06 -4.55 13.84
N MET B 252 8.22 -4.84 14.83
CA MET B 252 8.64 -5.52 16.05
C MET B 252 8.12 -6.96 16.02
N TRP B 253 9.03 -7.90 16.21
CA TRP B 253 8.70 -9.32 16.14
C TRP B 253 9.10 -10.02 17.41
N LEU B 254 8.34 -11.06 17.73
CA LEU B 254 8.72 -12.05 18.73
C LEU B 254 9.03 -13.36 18.01
N ARG B 255 10.21 -13.90 18.27
CA ARG B 255 10.68 -15.11 17.60
C ARG B 255 10.76 -16.23 18.62
N ALA B 256 10.18 -17.38 18.30
CA ALA B 256 10.13 -18.48 19.24
C ALA B 256 11.47 -19.21 19.25
N ASP B 257 12.07 -19.34 20.43
CA ASP B 257 13.31 -20.10 20.57
C ASP B 257 12.96 -21.57 20.72
N GLY B 258 12.93 -22.28 19.59
CA GLY B 258 12.47 -23.64 19.57
C GLY B 258 10.95 -23.72 19.57
N ARG B 259 10.45 -24.89 19.15
CA ARG B 259 9.00 -25.08 19.00
C ARG B 259 8.26 -24.85 20.32
N GLN B 260 7.12 -24.18 20.23
CA GLN B 260 6.25 -23.88 21.36
C GLN B 260 4.83 -24.35 21.08
N ARG B 261 4.17 -24.87 22.12
CA ARG B 261 2.71 -25.06 22.12
C ARG B 261 2.08 -24.13 23.15
N VAL B 262 1.10 -23.35 22.71
CA VAL B 262 0.45 -22.33 23.52
C VAL B 262 -1.05 -22.54 23.43
N ARG B 263 -1.69 -22.80 24.57
CA ARG B 263 -3.14 -22.87 24.64
C ARG B 263 -3.64 -21.61 25.35
N VAL B 264 -4.40 -20.80 24.63
CA VAL B 264 -5.09 -19.67 25.24
C VAL B 264 -6.37 -20.23 25.86
N GLY B 265 -6.39 -20.31 27.20
CA GLY B 265 -7.50 -20.89 27.93
C GLY B 265 -8.84 -20.26 27.60
N ALA B 266 -9.04 -19.01 28.04
CA ALA B 266 -10.33 -18.36 27.92
C ALA B 266 -10.89 -18.39 26.51
N LEU B 267 -10.06 -18.67 25.50
CA LEU B 267 -10.54 -18.71 24.14
C LEU B 267 -10.66 -20.12 23.61
N ASP B 268 -10.18 -21.12 24.36
CA ASP B 268 -10.30 -22.53 23.99
C ASP B 268 -9.57 -22.84 22.68
N LEU B 269 -8.38 -22.26 22.52
CA LEU B 269 -7.64 -22.32 21.28
C LEU B 269 -6.20 -22.71 21.56
N THR B 270 -5.65 -23.60 20.75
CA THR B 270 -4.23 -23.94 20.83
C THR B 270 -3.54 -23.56 19.52
N VAL B 271 -2.42 -22.85 19.64
CA VAL B 271 -1.60 -22.50 18.50
C VAL B 271 -0.22 -23.11 18.67
N ASP B 272 0.40 -23.46 17.55
CA ASP B 272 1.77 -23.97 17.56
C ASP B 272 2.70 -22.97 16.89
N PHE B 273 3.89 -22.84 17.47
CA PHE B 273 4.98 -22.08 16.87
C PHE B 273 6.05 -23.07 16.43
N ASP B 274 6.40 -23.03 15.15
CA ASP B 274 7.64 -23.68 14.72
C ASP B 274 8.82 -23.06 15.47
N ALA B 275 9.91 -23.80 15.56
CA ALA B 275 11.13 -23.22 16.09
C ALA B 275 11.60 -22.09 15.16
N GLY B 276 11.90 -20.94 15.74
CA GLY B 276 12.34 -19.77 14.98
C GLY B 276 11.23 -18.98 14.32
N GLU B 277 9.97 -19.43 14.42
CA GLU B 277 8.82 -18.73 13.86
C GLU B 277 8.59 -17.39 14.57
N GLU B 278 8.35 -16.34 13.78
CA GLU B 278 8.30 -14.96 14.26
C GLU B 278 6.88 -14.43 14.15
N MET B 279 6.38 -13.83 15.24
CA MET B 279 5.05 -13.24 15.31
C MET B 279 5.17 -11.72 15.34
N LEU B 280 4.38 -11.02 14.53
CA LEU B 280 4.48 -9.57 14.45
C LEU B 280 3.66 -8.90 15.54
N THR B 281 4.32 -8.15 16.43
CA THR B 281 3.60 -7.47 17.49
C THR B 281 3.41 -5.98 17.25
N GLU B 282 4.25 -5.34 16.44
CA GLU B 282 4.11 -3.91 16.20
C GLU B 282 4.59 -3.53 14.80
N VAL B 283 3.99 -2.49 14.23
CA VAL B 283 4.49 -1.85 13.02
C VAL B 283 4.65 -0.36 13.26
N SER B 284 5.82 0.17 12.94
CA SER B 284 6.13 1.57 13.20
C SER B 284 6.55 2.21 11.88
N CYS B 285 5.56 2.73 11.15
CA CYS B 285 5.78 3.31 9.83
C CYS B 285 6.63 4.59 9.91
N LYS B 286 7.55 4.72 8.96
CA LYS B 286 8.34 5.92 8.79
C LYS B 286 7.90 6.67 7.55
N PHE B 287 8.06 7.98 7.56
CA PHE B 287 7.37 8.87 6.63
C PHE B 287 8.35 9.76 5.87
N ARG B 288 7.91 10.19 4.68
CA ARG B 288 8.64 11.16 3.86
C ARG B 288 7.88 12.47 3.79
N PRO B 289 8.55 13.62 3.96
CA PRO B 289 7.87 14.91 3.99
C PRO B 289 6.71 15.08 3.00
N GLN B 290 6.98 14.96 1.70
CA GLN B 290 5.92 15.14 0.70
C GLN B 290 4.77 14.14 0.92
N ALA B 291 5.10 12.88 1.20
CA ALA B 291 4.07 11.85 1.38
C ALA B 291 3.08 12.23 2.47
N VAL B 292 3.56 12.89 3.52
CA VAL B 292 2.69 13.21 4.65
C VAL B 292 1.66 14.26 4.25
N GLY B 293 2.08 15.34 3.60
CA GLY B 293 1.11 16.33 3.17
C GLY B 293 0.18 15.79 2.10
N ALA B 294 0.68 14.86 1.28
CA ALA B 294 -0.13 14.30 0.22
C ALA B 294 -1.29 13.48 0.78
N GLU B 295 -1.06 12.75 1.88
CA GLU B 295 -2.15 11.98 2.50
C GLU B 295 -3.10 12.86 3.30
N LEU B 296 -2.57 13.88 4.00
CA LEU B 296 -3.45 14.89 4.55
C LEU B 296 -4.34 15.50 3.47
N ALA B 297 -3.76 15.80 2.31
CA ALA B 297 -4.55 16.29 1.19
C ALA B 297 -5.58 15.25 0.76
N ALA B 298 -5.18 13.98 0.70
CA ALA B 298 -6.11 12.93 0.31
C ALA B 298 -7.26 12.78 1.30
N ALA B 299 -7.02 13.10 2.58
CA ALA B 299 -8.08 12.96 3.56
C ALA B 299 -9.00 14.18 3.60
N GLY B 300 -8.65 15.24 2.89
CA GLY B 300 -9.46 16.44 2.87
C GLY B 300 -8.93 17.60 3.67
N LEU B 301 -7.64 17.56 4.01
CA LEU B 301 -6.99 18.55 4.85
C LEU B 301 -5.78 19.13 4.12
N HIS B 302 -5.52 20.41 4.36
CA HIS B 302 -4.49 21.16 3.67
C HIS B 302 -3.41 21.51 4.67
N ARG B 303 -2.20 21.00 4.44
CA ARG B 303 -1.07 21.33 5.32
C ARG B 303 -0.63 22.77 5.09
N ILE B 304 -0.50 23.52 6.17
CA ILE B 304 -0.09 24.92 6.11
C ILE B 304 1.23 25.16 6.80
N ARG B 305 1.73 24.19 7.56
CA ARG B 305 2.99 24.28 8.28
C ARG B 305 3.58 22.89 8.38
N TRP B 306 4.87 22.77 8.06
CA TRP B 306 5.67 21.56 8.28
C TRP B 306 6.93 21.98 9.01
N TRP B 307 7.31 21.22 10.02
CA TRP B 307 8.49 21.53 10.81
C TRP B 307 9.32 20.28 11.03
N THR B 308 10.60 20.50 11.21
CA THR B 308 11.56 19.44 11.37
C THR B 308 12.42 19.85 12.56
N ASP B 309 12.87 18.85 13.32
CA ASP B 309 13.87 19.14 14.34
C ASP B 309 15.19 19.51 13.68
N GLU B 310 16.22 19.73 14.49
CA GLU B 310 17.46 20.25 13.93
C GLU B 310 18.19 19.21 13.08
N ALA B 311 18.07 17.93 13.43
CA ALA B 311 18.77 16.87 12.72
C ALA B 311 17.95 16.23 11.61
N GLY B 312 16.79 16.80 11.26
CA GLY B 312 15.93 16.17 10.28
C GLY B 312 15.38 14.83 10.70
N ASP B 313 15.23 14.61 12.00
CA ASP B 313 14.84 13.29 12.51
C ASP B 313 13.33 13.05 12.50
N PHE B 314 12.52 14.11 12.53
CA PHE B 314 11.13 14.01 12.95
C PHE B 314 10.35 15.20 12.40
N GLY B 315 9.10 14.95 12.00
CA GLY B 315 8.27 15.99 11.40
C GLY B 315 6.96 16.22 12.15
N LEU B 316 6.58 17.49 12.25
CA LEU B 316 5.27 17.90 12.75
C LEU B 316 4.56 18.68 11.64
N SER B 317 3.25 18.43 11.50
CA SER B 317 2.44 19.04 10.46
C SER B 317 1.30 19.81 11.11
N LEU B 318 1.04 21.02 10.61
CA LEU B 318 -0.21 21.71 10.87
C LEU B 318 -1.02 21.70 9.58
N ALA B 319 -2.21 21.10 9.62
CA ALA B 319 -3.09 21.00 8.45
C ALA B 319 -4.49 21.42 8.84
N ALA B 320 -5.04 22.39 8.12
CA ALA B 320 -6.35 22.95 8.43
C ALA B 320 -7.44 22.25 7.62
N LYS B 321 -8.66 22.26 8.17
CA LYS B 321 -9.82 21.84 7.41
C LYS B 321 -10.39 23.03 6.66
C10 8YI C . 2.08 -13.95 -15.78
N12 8YI C . 1.86 -16.07 -15.44
C13 8YI C . 2.90 -15.62 -14.73
C02 8YI C . -0.44 -12.49 -15.22
C03 8YI C . 0.32 -12.35 -16.54
C05 8YI C . 0.90 -9.97 -17.00
C06 8YI C . 0.29 -8.93 -17.67
C07 8YI C . -0.88 -9.38 -18.17
C08 8YI C . -1.02 -10.70 -17.82
C09 8YI C . 1.82 -12.54 -16.31
C11 8YI C . 1.34 -15.06 -16.08
N04 8YI C . 0.08 -11.04 -17.11
N14 8YI C . 3.02 -14.31 -14.95
O01 8YI C . -1.01 -13.57 -14.95
O15 8YI C . -0.53 -11.51 -14.42
O2 PEG D . 20.41 -7.24 -2.10
C3 PEG D . 21.26 -6.20 -1.71
C4 PEG D . 22.24 -5.89 -2.84
O4 PEG D . 22.99 -4.76 -2.49
O2 PEG E . 10.50 -0.73 -23.07
C3 PEG E . 11.14 0.45 -23.49
C4 PEG E . 10.59 1.62 -22.66
O4 PEG E . 11.33 2.77 -22.98
O2 PEG F . 4.82 -6.66 -24.33
C3 PEG F . 4.49 -6.12 -25.59
C4 PEG F . 5.75 -5.61 -26.31
O4 PEG F . 6.17 -6.56 -27.26
O2 PEG G . -20.35 -15.97 -20.44
C3 PEG G . -20.72 -15.43 -19.20
C4 PEG G . -19.86 -14.20 -18.96
O4 PEG G . -20.72 -13.10 -18.85
C1 PEG H . -26.25 -7.02 -19.00
O1 PEG H . -24.87 -7.27 -19.04
C2 PEG H . -26.51 -5.54 -19.26
O2 PEG H . -26.97 -4.95 -18.09
C3 PEG H . -28.00 -5.65 -17.43
C4 PEG H . -28.24 -4.98 -16.09
O4 PEG H . -27.07 -5.03 -15.29
O2 PEG I . 1.58 7.46 -16.50
C3 PEG I . 2.66 7.09 -15.67
C4 PEG I . 3.88 7.97 -16.00
O4 PEG I . 3.50 9.31 -16.16
O2 PEG J . -25.82 -0.48 -23.85
C3 PEG J . -26.87 -0.19 -24.71
C4 PEG J . -26.89 1.29 -25.07
O4 PEG J . -27.73 1.50 -26.17
C1 GOL K . -27.18 -3.00 -31.36
O1 GOL K . -28.51 -3.29 -31.61
C2 GOL K . -27.08 -1.74 -30.41
O2 GOL K . -26.22 -0.77 -30.93
C3 GOL K . -28.53 -1.19 -30.11
O3 GOL K . -28.65 -1.00 -28.70
P PO4 L . 11.97 -25.10 -10.34
O1 PO4 L . 12.16 -23.60 -10.45
O2 PO4 L . 13.29 -25.79 -10.03
O3 PO4 L . 10.99 -25.44 -9.24
O4 PO4 L . 11.41 -25.60 -11.66
C10 8YI M . 7.17 1.81 20.52
N12 8YI M . 9.26 1.46 20.94
C13 8YI M . 8.73 0.34 20.44
C02 8YI M . 6.81 3.74 18.42
C03 8YI M . 6.03 3.87 19.73
C05 8YI M . 3.59 3.98 19.22
C06 8YI M . 2.64 4.98 19.13
C07 8YI M . 3.26 6.15 19.38
C08 8YI M . 4.58 5.89 19.63
C09 8YI M . 5.81 2.52 20.40
C11 8YI M . 8.32 2.38 20.99
N04 8YI M . 4.77 4.56 19.53
N14 8YI M . 7.43 0.57 20.19
O01 8YI M . 6.41 3.00 17.48
O15 8YI M . 7.91 4.35 18.30
O2 PEG N . -14.82 -18.82 24.72
C3 PEG N . -14.35 -20.01 24.14
C4 PEG N . -14.50 -19.96 22.62
O4 PEG N . -13.99 -18.76 22.09
O2 PEG O . -10.00 -0.86 23.35
C3 PEG O . -10.66 0.27 22.85
C4 PEG O . -12.17 0.02 22.90
O4 PEG O . -12.43 -1.21 22.28
C1 PEG P . 6.78 33.50 12.52
O1 PEG P . 7.64 33.60 13.62
C2 PEG P . 5.32 33.44 12.99
O2 PEG P . 4.56 32.63 12.13
C3 PEG P . 3.34 33.16 11.70
C4 PEG P . 2.16 32.35 12.23
O4 PEG P . 0.98 32.90 11.72
C1 PEG Q . 8.42 30.07 6.43
O1 PEG Q . 8.61 28.67 6.38
C2 PEG Q . 8.78 30.66 7.79
O2 PEG Q . 8.05 30.05 8.83
C3 PEG Q . 8.37 30.57 10.09
C4 PEG Q . 8.90 29.39 10.91
O4 PEG Q . 7.95 28.39 10.76
P PO4 R . 15.99 -10.73 23.78
O1 PO4 R . 16.59 -9.93 22.63
O2 PO4 R . 15.97 -9.91 25.06
O3 PO4 R . 14.56 -11.12 23.44
O4 PO4 R . 16.90 -11.91 23.99
#